data_2IU9
#
_entry.id   2IU9
#
_cell.length_a   98.871
_cell.length_b   98.872
_cell.length_c   283.053
_cell.angle_alpha   90.00
_cell.angle_beta   90.00
_cell.angle_gamma   90.00
#
_symmetry.space_group_name_H-M   'P 41 21 2'
#
loop_
_entity.id
_entity.type
_entity.pdbx_description
1 polymer 'UDP-3-O-[3-HYDROXYMYRISTOYL] GLUCOSAMINE N-ACYLTRANSFERASE'
2 non-polymer BETA-MERCAPTOETHANOL
3 non-polymer 'SULFATE ION'
4 non-polymer 'PALMITIC ACID'
5 non-polymer URIDINE-DIPHOSPHATE-N-ACETYLGLUCOSAMINE
6 water water
#
_entity_poly.entity_id   1
_entity_poly.type   'polypeptide(L)'
_entity_poly.pdbx_seq_one_letter_code
;MGSSHHHHHHSSGLVPRGSHMSQSTYSLEQLADFLKVEFQGNGATLLSGVEEIEEAKTAHITFLDNEKYAKHLKSSEAGA
IIISRTQFQKYRDLNKNFLITSESPSLVFQKCLELFITPVDSGFPGIHPTAVIHPTAIIEDHVCIEPYAVVCQHAHVGSA
CHIGSGSVIGAYSTVGEHSYIHPRVVIRERVSIGKRVIIQPGAVIGSCGFGYVTSAFGQHKHLKHLGKVIIEDDVEIGAN
TTIDRGRFKHSVVREGSKIDNLVQIAHQVEVGQHSMIVAQAGIAGSTKIGNHVIIGGQAGITGHICIADHVIMMAQTGVT
KSITSPGIYGGAPARPYQEIHRQVAKVRNLPRLEERIAALEKLVQKLEALSEQH
;
_entity_poly.pdbx_strand_id   A,B,C
#
loop_
_chem_comp.id
_chem_comp.type
_chem_comp.name
_chem_comp.formula
BME non-polymer BETA-MERCAPTOETHANOL 'C2 H6 O S'
PLM non-polymer 'PALMITIC ACID' 'C16 H32 O2'
SO4 non-polymer 'SULFATE ION' 'O4 S -2'
UD1 non-polymer URIDINE-DIPHOSPHATE-N-ACETYLGLUCOSAMINE 'C17 H27 N3 O17 P2'
#
# COMPACT_ATOMS: atom_id res chain seq x y z
N MET A 21 13.52 1.01 -37.06
CA MET A 21 12.42 1.44 -37.96
C MET A 21 11.14 1.73 -37.16
N SER A 22 10.48 2.84 -37.50
CA SER A 22 9.29 3.29 -36.78
C SER A 22 7.99 2.95 -37.51
N GLN A 23 6.88 3.41 -36.94
CA GLN A 23 5.56 3.16 -37.49
C GLN A 23 5.25 4.03 -38.71
N SER A 24 5.49 5.34 -38.60
CA SER A 24 5.08 6.30 -39.62
C SER A 24 6.08 7.44 -39.85
N THR A 25 5.99 8.09 -41.01
CA THR A 25 6.82 9.25 -41.33
C THR A 25 5.98 10.41 -41.87
N TYR A 26 6.20 11.60 -41.32
CA TYR A 26 5.45 12.82 -41.66
C TYR A 26 6.40 13.91 -42.07
N SER A 27 5.94 14.86 -42.87
CA SER A 27 6.71 16.10 -43.06
C SER A 27 6.33 17.07 -41.95
N LEU A 28 7.20 18.05 -41.68
CA LEU A 28 6.91 19.05 -40.66
C LEU A 28 5.58 19.72 -40.94
N GLU A 29 5.38 20.12 -42.20
CA GLU A 29 4.14 20.77 -42.64
C GLU A 29 2.92 19.84 -42.55
N GLN A 30 3.04 18.63 -43.10
CA GLN A 30 1.97 17.65 -43.10
C GLN A 30 1.47 17.38 -41.69
N LEU A 31 2.42 17.23 -40.77
CA LEU A 31 2.14 16.95 -39.38
C LEU A 31 1.52 18.18 -38.70
N ALA A 32 2.02 19.35 -39.06
CA ALA A 32 1.52 20.62 -38.54
C ALA A 32 0.07 20.82 -38.92
N ASP A 33 -0.25 20.56 -40.19
CA ASP A 33 -1.62 20.65 -40.68
C ASP A 33 -2.53 19.61 -40.04
N PHE A 34 -1.97 18.44 -39.74
CA PHE A 34 -2.71 17.37 -39.09
C PHE A 34 -3.10 17.75 -37.66
N LEU A 35 -2.23 18.51 -37.01
CA LEU A 35 -2.45 18.98 -35.65
C LEU A 35 -3.25 20.27 -35.58
N LYS A 36 -3.49 20.89 -36.74
CA LYS A 36 -4.12 22.23 -36.84
C LYS A 36 -3.29 23.23 -36.04
N VAL A 37 -2.02 23.34 -36.42
CA VAL A 37 -0.99 24.06 -35.67
C VAL A 37 -0.08 24.78 -36.66
N GLU A 38 0.26 26.04 -36.39
CA GLU A 38 1.19 26.79 -37.25
C GLU A 38 2.60 26.21 -37.12
N PHE A 39 3.40 26.31 -38.17
CA PHE A 39 4.81 25.88 -38.08
C PHE A 39 5.78 26.94 -38.58
N GLN A 40 7.04 26.80 -38.18
CA GLN A 40 8.13 27.66 -38.67
C GLN A 40 9.36 26.79 -38.89
N GLY A 41 10.03 27.00 -40.01
CA GLY A 41 11.19 26.19 -40.39
C GLY A 41 10.91 25.42 -41.67
N ASN A 42 11.72 24.40 -41.93
CA ASN A 42 11.57 23.61 -43.16
C ASN A 42 10.38 22.66 -43.10
N GLY A 43 9.31 23.02 -43.82
CA GLY A 43 8.11 22.21 -43.90
C GLY A 43 8.30 20.82 -44.51
N ALA A 44 9.40 20.67 -45.25
CA ALA A 44 9.72 19.42 -45.94
C ALA A 44 10.34 18.36 -45.01
N THR A 45 10.84 18.80 -43.86
CA THR A 45 11.55 17.92 -42.91
C THR A 45 10.79 16.67 -42.52
N LEU A 46 11.40 15.51 -42.72
CA LEU A 46 10.81 14.24 -42.36
C LEU A 46 10.90 13.94 -40.88
N LEU A 47 9.80 13.44 -40.32
CA LEU A 47 9.68 13.21 -38.88
C LEU A 47 9.07 11.83 -38.63
N SER A 48 9.77 11.00 -37.87
CA SER A 48 9.40 9.59 -37.74
C SER A 48 9.38 9.06 -36.30
N GLY A 49 9.31 9.96 -35.32
CA GLY A 49 9.24 9.56 -33.92
C GLY A 49 9.29 10.72 -32.95
N VAL A 50 9.20 10.41 -31.66
CA VAL A 50 9.29 11.43 -30.62
C VAL A 50 10.43 11.12 -29.65
N GLU A 51 10.93 12.16 -28.99
CA GLU A 51 11.97 12.01 -27.98
C GLU A 51 11.97 13.19 -26.99
N GLU A 52 12.56 12.97 -25.81
CA GLU A 52 12.78 14.03 -24.83
C GLU A 52 13.66 15.11 -25.44
N ILE A 53 13.45 16.36 -25.02
CA ILE A 53 14.10 17.52 -25.66
C ILE A 53 15.63 17.46 -25.70
N GLU A 54 16.24 16.92 -24.65
CA GLU A 54 17.71 16.87 -24.52
C GLU A 54 18.35 15.68 -25.25
N GLU A 55 17.53 14.83 -25.85
CA GLU A 55 18.02 13.65 -26.55
C GLU A 55 17.63 13.63 -28.03
N ALA A 56 16.52 14.28 -28.36
CA ALA A 56 15.95 14.25 -29.71
C ALA A 56 16.97 14.46 -30.83
N LYS A 57 16.87 13.63 -31.87
CA LYS A 57 17.68 13.76 -33.09
C LYS A 57 16.82 14.33 -34.22
N THR A 58 17.38 14.41 -35.42
CA THR A 58 16.70 15.04 -36.57
C THR A 58 15.35 14.42 -36.91
N ALA A 59 15.27 13.09 -36.81
CA ALA A 59 14.05 12.35 -37.12
C ALA A 59 12.93 12.56 -36.10
N HIS A 60 13.29 13.12 -34.94
CA HIS A 60 12.41 13.18 -33.77
C HIS A 60 11.59 14.47 -33.65
N ILE A 61 10.42 14.33 -33.02
CA ILE A 61 9.58 15.45 -32.61
C ILE A 61 9.76 15.60 -31.09
N THR A 62 9.80 16.83 -30.60
CA THR A 62 9.93 17.10 -29.16
C THR A 62 9.12 18.34 -28.74
N PHE A 63 9.09 18.65 -27.44
CA PHE A 63 8.41 19.85 -26.96
C PHE A 63 9.18 20.56 -25.86
N LEU A 64 9.17 21.89 -25.92
CA LEU A 64 9.70 22.72 -24.84
C LEU A 64 8.56 23.01 -23.85
N ASP A 65 8.76 22.59 -22.61
CA ASP A 65 7.70 22.66 -21.60
C ASP A 65 8.01 23.64 -20.49
N ASN A 66 8.00 24.92 -20.86
CA ASN A 66 8.01 26.07 -19.94
C ASN A 66 8.98 26.09 -18.75
N GLU A 67 9.37 24.90 -18.28
CA GLU A 67 10.18 24.74 -17.08
C GLU A 67 11.60 25.25 -17.31
N LYS A 68 12.48 24.38 -17.81
CA LYS A 68 13.90 24.71 -17.96
C LYS A 68 14.26 24.99 -19.42
N TYR A 69 15.40 24.45 -19.84
CA TYR A 69 15.75 24.25 -21.25
C TYR A 69 16.08 25.52 -22.05
N ALA A 70 16.44 26.60 -21.35
CA ALA A 70 16.83 27.85 -21.99
C ALA A 70 18.00 27.67 -22.96
N LYS A 71 19.06 27.03 -22.46
CA LYS A 71 20.26 26.75 -23.23
C LYS A 71 20.09 25.43 -23.96
N HIS A 72 19.21 24.57 -23.43
CA HIS A 72 18.99 23.21 -23.94
C HIS A 72 18.00 23.18 -25.10
N LEU A 73 17.51 24.35 -25.49
CA LEU A 73 16.73 24.50 -26.70
C LEU A 73 17.65 24.94 -27.83
N LYS A 74 18.58 25.82 -27.49
CA LYS A 74 19.58 26.32 -28.42
C LYS A 74 20.35 25.16 -29.07
N SER A 75 20.85 24.24 -28.24
CA SER A 75 21.62 23.10 -28.70
C SER A 75 20.74 21.86 -28.75
N SER A 76 19.67 21.95 -29.53
CA SER A 76 18.77 20.82 -29.76
C SER A 76 18.73 20.50 -31.24
N GLU A 77 19.06 19.26 -31.57
CA GLU A 77 19.11 18.79 -32.95
C GLU A 77 17.80 18.13 -33.40
N ALA A 78 16.72 18.42 -32.70
CA ALA A 78 15.40 17.88 -33.02
C ALA A 78 14.94 18.36 -34.40
N GLY A 79 14.05 17.57 -35.02
CA GLY A 79 13.49 17.95 -36.30
C GLY A 79 12.17 18.69 -36.17
N ALA A 80 11.67 18.78 -34.93
CA ALA A 80 10.44 19.49 -34.64
C ALA A 80 10.33 19.74 -33.13
N ILE A 81 10.01 20.98 -32.77
CA ILE A 81 9.86 21.36 -31.37
C ILE A 81 8.53 22.04 -31.17
N ILE A 82 7.67 21.41 -30.37
CA ILE A 82 6.37 21.94 -30.03
C ILE A 82 6.53 23.01 -28.97
N ILE A 83 6.20 24.25 -29.34
CA ILE A 83 6.42 25.39 -28.46
C ILE A 83 5.15 26.25 -28.33
N SER A 84 4.93 26.77 -27.12
CA SER A 84 3.85 27.71 -26.87
C SER A 84 4.13 29.01 -27.61
N ARG A 85 3.07 29.75 -27.95
CA ARG A 85 3.23 31.05 -28.63
C ARG A 85 4.02 32.04 -27.78
N THR A 86 3.68 32.15 -26.50
CA THR A 86 4.34 33.08 -25.58
C THR A 86 5.83 32.83 -25.51
N GLN A 87 6.23 31.58 -25.76
CA GLN A 87 7.63 31.18 -25.69
C GLN A 87 8.32 31.14 -27.04
N PHE A 88 7.54 31.01 -28.11
CA PHE A 88 8.08 31.08 -29.46
C PHE A 88 8.54 32.50 -29.73
N GLN A 89 7.72 33.48 -29.35
CA GLN A 89 8.03 34.90 -29.49
C GLN A 89 9.39 35.23 -28.89
N LYS A 90 9.71 34.58 -27.78
CA LYS A 90 11.00 34.77 -27.10
C LYS A 90 12.18 34.12 -27.84
N TYR A 91 11.93 32.98 -28.48
CA TYR A 91 12.98 32.23 -29.18
C TYR A 91 12.81 32.29 -30.70
N ARG A 92 12.17 33.36 -31.17
CA ARG A 92 11.86 33.60 -32.58
C ARG A 92 13.06 33.49 -33.53
N ASP A 93 14.22 34.01 -33.10
CA ASP A 93 15.39 34.12 -33.95
C ASP A 93 16.19 32.83 -34.14
N LEU A 94 15.79 31.77 -33.43
CA LEU A 94 16.56 30.52 -33.43
C LEU A 94 16.30 29.64 -34.65
N ASN A 95 17.38 29.02 -35.15
CA ASN A 95 17.30 28.11 -36.29
C ASN A 95 16.80 26.69 -35.94
N LYS A 96 15.50 26.58 -35.70
CA LYS A 96 14.87 25.32 -35.33
C LYS A 96 13.52 25.13 -36.01
N ASN A 97 13.13 23.87 -36.21
CA ASN A 97 11.78 23.58 -36.70
C ASN A 97 10.78 23.65 -35.57
N PHE A 98 9.85 24.60 -35.67
CA PHE A 98 8.92 24.85 -34.58
C PHE A 98 7.48 24.48 -34.94
N LEU A 99 6.80 23.86 -33.98
CA LEU A 99 5.35 23.68 -34.06
C LEU A 99 4.68 24.51 -32.97
N ILE A 100 4.12 25.64 -33.38
CA ILE A 100 3.62 26.65 -32.46
C ILE A 100 2.14 26.44 -32.18
N THR A 101 1.84 26.15 -30.91
CA THR A 101 0.48 25.85 -30.46
C THR A 101 -0.01 26.88 -29.44
N SER A 102 -1.33 27.05 -29.39
CA SER A 102 -1.95 27.86 -28.33
C SER A 102 -2.33 26.98 -27.13
N GLU A 103 -2.36 25.66 -27.33
CA GLU A 103 -2.61 24.71 -26.26
C GLU A 103 -1.34 24.45 -25.44
N SER A 104 -1.35 23.40 -24.62
CA SER A 104 -0.17 22.98 -23.89
C SER A 104 0.77 22.27 -24.84
N PRO A 105 2.07 22.64 -24.84
CA PRO A 105 3.04 21.94 -25.68
C PRO A 105 3.03 20.44 -25.41
N SER A 106 2.98 20.06 -24.13
CA SER A 106 2.99 18.65 -23.73
C SER A 106 1.74 17.90 -24.24
N LEU A 107 0.60 18.57 -24.19
CA LEU A 107 -0.67 17.97 -24.61
C LEU A 107 -0.67 17.72 -26.12
N VAL A 108 -0.13 18.65 -26.88
CA VAL A 108 0.05 18.50 -28.32
C VAL A 108 0.99 17.32 -28.58
N PHE A 109 2.14 17.33 -27.91
CA PHE A 109 3.12 16.25 -27.97
C PHE A 109 2.47 14.87 -27.84
N GLN A 110 1.48 14.77 -26.96
CA GLN A 110 0.75 13.52 -26.74
C GLN A 110 0.10 13.01 -28.03
N LYS A 111 -0.58 13.91 -28.74
CA LYS A 111 -1.18 13.56 -30.02
C LYS A 111 -0.12 12.98 -30.94
N CYS A 112 1.01 13.69 -31.03
CA CYS A 112 2.17 13.28 -31.82
C CYS A 112 2.67 11.89 -31.43
N LEU A 113 2.85 11.68 -30.14
CA LEU A 113 3.26 10.38 -29.59
C LEU A 113 2.31 9.25 -30.02
N GLU A 114 1.00 9.54 -29.97
CA GLU A 114 -0.02 8.56 -30.29
C GLU A 114 -0.05 8.14 -31.77
N LEU A 115 0.68 8.87 -32.61
CA LEU A 115 0.83 8.52 -34.01
C LEU A 115 1.93 7.46 -34.23
N PHE A 116 2.79 7.30 -33.23
CA PHE A 116 3.91 6.35 -33.31
C PHE A 116 3.71 5.10 -32.44
N ILE A 117 3.07 5.29 -31.28
CA ILE A 117 2.51 4.20 -30.50
C ILE A 117 1.01 4.45 -30.38
N THR A 118 0.21 3.75 -31.19
CA THR A 118 -1.24 3.93 -31.15
C THR A 118 -1.79 3.15 -29.96
N PRO A 119 -2.61 3.80 -29.11
CA PRO A 119 -3.12 3.16 -27.90
C PRO A 119 -4.02 1.97 -28.22
N VAL A 120 -3.93 0.93 -27.40
CA VAL A 120 -4.59 -0.32 -27.68
C VAL A 120 -5.53 -0.77 -26.56
N ASP A 121 -6.70 -1.27 -26.95
CA ASP A 121 -7.63 -1.85 -26.00
C ASP A 121 -7.47 -3.36 -25.96
N SER A 122 -8.15 -4.01 -25.02
CA SER A 122 -8.08 -5.46 -24.82
C SER A 122 -8.53 -6.28 -26.04
N GLY A 123 -9.18 -5.61 -26.99
CA GLY A 123 -9.70 -6.30 -28.18
C GLY A 123 -11.07 -6.91 -27.97
N PHE A 124 -11.71 -6.57 -26.86
CA PHE A 124 -13.08 -6.97 -26.60
C PHE A 124 -14.01 -5.76 -26.71
N PRO A 125 -14.66 -5.58 -27.87
CA PRO A 125 -15.58 -4.45 -28.02
C PRO A 125 -16.96 -4.72 -27.43
N GLY A 126 -17.77 -3.68 -27.31
CA GLY A 126 -19.16 -3.80 -26.88
C GLY A 126 -19.35 -4.29 -25.45
N ILE A 127 -20.49 -4.90 -25.19
CA ILE A 127 -20.74 -5.53 -23.89
C ILE A 127 -20.61 -7.04 -24.05
N HIS A 128 -19.54 -7.61 -23.49
CA HIS A 128 -19.26 -9.04 -23.58
C HIS A 128 -20.40 -9.89 -23.01
N PRO A 129 -20.69 -11.06 -23.62
CA PRO A 129 -21.72 -11.96 -23.09
C PRO A 129 -21.48 -12.42 -21.64
N THR A 130 -20.22 -12.66 -21.30
CA THR A 130 -19.86 -13.13 -19.96
C THR A 130 -19.93 -12.05 -18.87
N ALA A 131 -20.59 -10.93 -19.16
CA ALA A 131 -20.78 -9.89 -18.17
C ALA A 131 -22.13 -10.12 -17.49
N VAL A 132 -22.09 -10.25 -16.17
CA VAL A 132 -23.32 -10.41 -15.38
C VAL A 132 -23.85 -9.04 -14.99
N ILE A 133 -25.05 -8.74 -15.49
CA ILE A 133 -25.70 -7.47 -15.21
C ILE A 133 -27.04 -7.75 -14.56
N HIS A 134 -27.26 -7.19 -13.36
CA HIS A 134 -28.51 -7.38 -12.64
C HIS A 134 -29.68 -6.79 -13.44
N PRO A 135 -30.75 -7.60 -13.63
CA PRO A 135 -31.95 -7.14 -14.33
C PRO A 135 -32.41 -5.73 -13.95
N THR A 136 -32.16 -5.32 -12.70
CA THR A 136 -32.58 -3.99 -12.22
C THR A 136 -31.64 -2.87 -12.61
N ALA A 137 -30.36 -3.19 -12.79
CA ALA A 137 -29.34 -2.19 -13.15
C ALA A 137 -29.59 -1.62 -14.55
N ILE A 138 -29.34 -0.32 -14.70
CA ILE A 138 -29.54 0.38 -15.96
C ILE A 138 -28.20 0.65 -16.64
N ILE A 139 -28.08 0.16 -17.86
CA ILE A 139 -26.88 0.31 -18.68
C ILE A 139 -27.22 1.21 -19.85
N GLU A 140 -26.47 2.31 -19.99
CA GLU A 140 -26.75 3.27 -21.04
C GLU A 140 -26.23 2.83 -22.41
N ASP A 141 -26.50 3.67 -23.42
CA ASP A 141 -26.03 3.41 -24.78
C ASP A 141 -24.51 3.50 -24.89
N HIS A 142 -23.94 2.83 -25.90
CA HIS A 142 -22.51 2.89 -26.23
C HIS A 142 -21.55 2.61 -25.08
N VAL A 143 -21.96 1.76 -24.14
CA VAL A 143 -21.04 1.37 -23.06
C VAL A 143 -20.31 0.10 -23.44
N CYS A 144 -19.16 -0.10 -22.81
CA CYS A 144 -18.36 -1.29 -23.04
C CYS A 144 -18.13 -1.99 -21.70
N ILE A 145 -18.58 -3.23 -21.58
CA ILE A 145 -18.34 -4.01 -20.38
C ILE A 145 -17.53 -5.26 -20.75
N GLU A 146 -16.32 -5.33 -20.21
CA GLU A 146 -15.38 -6.41 -20.55
C GLU A 146 -15.72 -7.72 -19.84
N PRO A 147 -15.15 -8.85 -20.33
CA PRO A 147 -15.48 -10.17 -19.80
C PRO A 147 -15.42 -10.28 -18.28
N TYR A 148 -16.44 -10.92 -17.72
CA TYR A 148 -16.50 -11.33 -16.30
C TYR A 148 -16.70 -10.22 -15.27
N ALA A 149 -16.96 -9.00 -15.74
CA ALA A 149 -17.32 -7.92 -14.84
C ALA A 149 -18.74 -8.15 -14.29
N VAL A 150 -19.00 -7.63 -13.10
CA VAL A 150 -20.30 -7.81 -12.45
C VAL A 150 -20.94 -6.45 -12.15
N VAL A 151 -22.17 -6.28 -12.60
CA VAL A 151 -22.95 -5.06 -12.36
C VAL A 151 -24.15 -5.41 -11.49
N CYS A 152 -24.13 -4.92 -10.26
CA CYS A 152 -25.10 -5.29 -9.22
C CYS A 152 -26.43 -4.52 -9.29
N GLN A 153 -27.33 -4.82 -8.35
CA GLN A 153 -28.68 -4.27 -8.38
C GLN A 153 -28.72 -2.74 -8.38
N HIS A 154 -29.63 -2.21 -9.19
CA HIS A 154 -29.89 -0.77 -9.29
C HIS A 154 -28.65 0.09 -9.60
N ALA A 155 -27.64 -0.53 -10.20
CA ALA A 155 -26.46 0.20 -10.64
C ALA A 155 -26.78 0.99 -11.90
N HIS A 156 -26.10 2.10 -12.11
CA HIS A 156 -26.35 2.92 -13.30
C HIS A 156 -25.06 3.32 -14.02
N VAL A 157 -24.77 2.61 -15.12
CA VAL A 157 -23.59 2.86 -15.94
C VAL A 157 -23.92 3.85 -17.05
N GLY A 158 -23.31 5.03 -16.99
CA GLY A 158 -23.53 6.10 -17.97
C GLY A 158 -22.95 5.79 -19.35
N SER A 159 -23.36 6.58 -20.34
CA SER A 159 -22.98 6.33 -21.73
C SER A 159 -21.48 6.52 -21.98
N ALA A 160 -20.94 5.78 -22.94
CA ALA A 160 -19.52 5.79 -23.30
C ALA A 160 -18.58 5.32 -22.18
N CYS A 161 -19.10 4.52 -21.26
CA CYS A 161 -18.31 4.03 -20.14
C CYS A 161 -17.55 2.75 -20.48
N HIS A 162 -16.48 2.50 -19.75
CA HIS A 162 -15.68 1.29 -19.88
C HIS A 162 -15.58 0.62 -18.51
N ILE A 163 -16.03 -0.64 -18.45
CA ILE A 163 -15.89 -1.44 -17.24
C ILE A 163 -14.91 -2.57 -17.54
N GLY A 164 -13.75 -2.52 -16.89
CA GLY A 164 -12.67 -3.47 -17.14
C GLY A 164 -12.96 -4.88 -16.67
N SER A 165 -12.29 -5.85 -17.29
CA SER A 165 -12.51 -7.27 -17.01
C SER A 165 -12.63 -7.58 -15.53
N GLY A 166 -13.70 -8.26 -15.18
CA GLY A 166 -13.93 -8.73 -13.82
C GLY A 166 -13.91 -7.66 -12.76
N SER A 167 -14.48 -6.50 -13.08
CA SER A 167 -14.63 -5.44 -12.10
C SER A 167 -16.04 -5.53 -11.51
N VAL A 168 -16.24 -4.93 -10.34
CA VAL A 168 -17.55 -4.95 -9.68
C VAL A 168 -18.13 -3.55 -9.55
N ILE A 169 -19.31 -3.35 -10.13
CA ILE A 169 -20.08 -2.12 -9.94
C ILE A 169 -21.20 -2.40 -8.94
N GLY A 170 -21.02 -1.93 -7.71
CA GLY A 170 -21.84 -2.32 -6.57
C GLY A 170 -23.30 -1.91 -6.63
N ALA A 171 -24.06 -2.38 -5.63
CA ALA A 171 -25.49 -2.09 -5.54
C ALA A 171 -25.71 -0.59 -5.44
N TYR A 172 -26.68 -0.10 -6.20
CA TYR A 172 -27.05 1.32 -6.22
C TYR A 172 -25.91 2.29 -6.57
N SER A 173 -24.83 1.76 -7.16
CA SER A 173 -23.69 2.57 -7.55
C SER A 173 -23.82 3.09 -8.98
N THR A 174 -23.43 4.35 -9.18
CA THR A 174 -23.56 5.02 -10.48
C THR A 174 -22.21 5.37 -11.07
N VAL A 175 -22.07 5.23 -12.38
CA VAL A 175 -20.83 5.59 -13.06
C VAL A 175 -21.09 6.61 -14.17
N GLY A 176 -20.66 7.84 -13.95
CA GLY A 176 -20.87 8.95 -14.88
C GLY A 176 -20.31 8.71 -16.27
N GLU A 177 -20.87 9.38 -17.27
CA GLU A 177 -20.52 9.16 -18.68
C GLU A 177 -19.01 9.27 -18.95
N HIS A 178 -18.53 8.51 -19.91
CA HIS A 178 -17.15 8.57 -20.39
C HIS A 178 -16.07 8.18 -19.37
N SER A 179 -16.50 7.67 -18.21
CA SER A 179 -15.57 7.17 -17.20
C SER A 179 -14.93 5.85 -17.64
N TYR A 180 -13.66 5.66 -17.27
CA TYR A 180 -12.89 4.47 -17.66
C TYR A 180 -12.42 3.69 -16.42
N ILE A 181 -13.10 2.58 -16.14
CA ILE A 181 -12.73 1.69 -15.03
C ILE A 181 -11.94 0.50 -15.56
N HIS A 182 -10.70 0.38 -15.07
CA HIS A 182 -9.82 -0.70 -15.53
C HIS A 182 -10.20 -2.05 -14.91
N PRO A 183 -9.49 -3.13 -15.30
CA PRO A 183 -9.82 -4.47 -14.81
C PRO A 183 -9.62 -4.65 -13.31
N ARG A 184 -10.48 -5.48 -12.71
CA ARG A 184 -10.40 -5.89 -11.30
C ARG A 184 -10.48 -4.71 -10.32
N VAL A 185 -11.32 -3.74 -10.64
CA VAL A 185 -11.67 -2.66 -9.72
C VAL A 185 -12.92 -3.07 -8.94
N VAL A 186 -12.93 -2.82 -7.63
CA VAL A 186 -14.15 -3.02 -6.86
C VAL A 186 -14.74 -1.70 -6.44
N ILE A 187 -15.95 -1.45 -6.94
CA ILE A 187 -16.73 -0.30 -6.55
C ILE A 187 -17.90 -0.83 -5.75
N ARG A 188 -17.83 -0.67 -4.44
CA ARG A 188 -18.82 -1.20 -3.50
C ARG A 188 -20.20 -0.55 -3.67
N GLU A 189 -21.12 -0.95 -2.80
CA GLU A 189 -22.47 -0.40 -2.76
C GLU A 189 -22.46 1.09 -2.47
N ARG A 190 -23.53 1.77 -2.86
CA ARG A 190 -23.72 3.20 -2.59
C ARG A 190 -22.52 4.11 -2.88
N VAL A 191 -21.84 3.87 -4.00
CA VAL A 191 -20.73 4.72 -4.43
C VAL A 191 -21.10 5.49 -5.70
N SER A 192 -20.91 6.80 -5.67
CA SER A 192 -21.19 7.64 -6.82
C SER A 192 -19.91 8.02 -7.56
N ILE A 193 -19.87 7.71 -8.85
CA ILE A 193 -18.73 8.03 -9.71
C ILE A 193 -19.12 9.10 -10.72
N GLY A 194 -18.38 10.20 -10.73
CA GLY A 194 -18.65 11.31 -11.66
C GLY A 194 -18.34 10.96 -13.11
N LYS A 195 -18.50 11.95 -13.99
CA LYS A 195 -18.18 11.80 -15.40
C LYS A 195 -16.66 11.80 -15.62
N ARG A 196 -16.23 11.22 -16.74
CA ARG A 196 -14.81 11.21 -17.15
C ARG A 196 -13.79 10.71 -16.10
N VAL A 197 -14.24 9.80 -15.23
CA VAL A 197 -13.40 9.28 -14.15
C VAL A 197 -12.57 8.08 -14.61
N ILE A 198 -11.29 8.08 -14.27
CA ILE A 198 -10.39 6.98 -14.60
C ILE A 198 -9.93 6.30 -13.32
N ILE A 199 -10.12 4.98 -13.25
CA ILE A 199 -9.71 4.20 -12.09
C ILE A 199 -8.79 3.06 -12.52
N GLN A 200 -7.55 3.12 -12.06
CA GLN A 200 -6.52 2.11 -12.37
C GLN A 200 -6.85 0.74 -11.77
N PRO A 201 -6.23 -0.34 -12.30
CA PRO A 201 -6.63 -1.68 -11.89
C PRO A 201 -6.50 -1.92 -10.39
N GLY A 202 -7.53 -2.50 -9.79
CA GLY A 202 -7.42 -3.02 -8.43
C GLY A 202 -7.66 -2.03 -7.31
N ALA A 203 -8.04 -0.81 -7.65
CA ALA A 203 -8.49 0.15 -6.65
C ALA A 203 -9.75 -0.38 -5.97
N VAL A 204 -9.91 -0.04 -4.70
CA VAL A 204 -11.12 -0.39 -3.96
C VAL A 204 -11.82 0.91 -3.57
N ILE A 205 -13.06 1.06 -4.02
CA ILE A 205 -13.86 2.25 -3.73
C ILE A 205 -15.11 1.87 -2.94
N GLY A 206 -15.19 2.35 -1.71
CA GLY A 206 -16.34 2.09 -0.86
C GLY A 206 -16.17 0.97 0.16
N SER A 207 -14.92 0.64 0.51
CA SER A 207 -14.65 -0.32 1.57
C SER A 207 -15.03 0.25 2.94
N CYS A 208 -15.29 -0.64 3.90
CA CYS A 208 -15.70 -0.24 5.25
C CYS A 208 -14.59 0.56 5.93
N GLY A 209 -14.98 1.54 6.75
CA GLY A 209 -14.01 2.34 7.50
C GLY A 209 -13.50 1.61 8.71
N PHE A 210 -12.27 1.91 9.11
CA PHE A 210 -11.64 1.25 10.26
C PHE A 210 -12.09 1.87 11.58
N GLY A 211 -13.36 1.67 11.93
CA GLY A 211 -13.94 2.21 13.16
C GLY A 211 -14.82 1.18 13.84
N TYR A 212 -14.74 1.11 15.18
CA TYR A 212 -15.40 0.06 15.96
C TYR A 212 -15.99 0.55 17.29
N VAL A 213 -16.84 -0.26 17.90
CA VAL A 213 -17.31 0.00 19.26
C VAL A 213 -16.45 -0.82 20.22
N THR A 214 -15.78 -0.14 21.15
CA THR A 214 -15.02 -0.83 22.16
C THR A 214 -15.96 -1.29 23.26
N SER A 215 -15.68 -2.46 23.80
CA SER A 215 -16.59 -3.17 24.71
C SER A 215 -15.81 -4.23 25.46
N ALA A 216 -16.32 -4.64 26.62
CA ALA A 216 -15.73 -5.74 27.43
C ALA A 216 -14.21 -5.64 27.64
N PHE A 217 -13.74 -4.45 27.98
CA PHE A 217 -12.33 -4.15 28.19
C PHE A 217 -11.46 -4.32 26.93
N GLY A 218 -11.56 -3.37 26.02
CA GLY A 218 -10.68 -3.33 24.87
C GLY A 218 -11.07 -4.16 23.67
N GLN A 219 -12.18 -4.89 23.76
CA GLN A 219 -12.62 -5.74 22.65
C GLN A 219 -13.44 -4.96 21.63
N HIS A 220 -13.10 -5.15 20.36
CA HIS A 220 -13.63 -4.31 19.27
C HIS A 220 -14.75 -4.99 18.51
N LYS A 221 -15.83 -4.23 18.28
CA LYS A 221 -17.02 -4.76 17.65
C LYS A 221 -17.33 -4.01 16.35
N HIS A 222 -17.59 -4.76 15.29
CA HIS A 222 -17.79 -4.22 13.95
C HIS A 222 -18.89 -3.17 13.88
N LEU A 223 -18.58 -2.03 13.24
CA LEU A 223 -19.56 -1.00 12.93
C LEU A 223 -19.83 -0.97 11.42
N LYS A 224 -21.08 -1.19 11.04
CA LYS A 224 -21.50 -1.09 9.65
C LYS A 224 -21.45 0.37 9.21
N HIS A 225 -20.75 0.63 8.12
CA HIS A 225 -20.66 1.97 7.58
C HIS A 225 -21.69 2.12 6.46
N LEU A 226 -22.46 3.19 6.53
CA LEU A 226 -23.59 3.38 5.62
C LEU A 226 -23.51 4.71 4.88
N GLY A 227 -22.36 5.38 5.01
CA GLY A 227 -22.09 6.57 4.25
C GLY A 227 -21.69 6.20 2.84
N LYS A 228 -21.58 7.22 1.98
CA LYS A 228 -21.23 7.02 0.59
C LYS A 228 -19.77 7.38 0.32
N VAL A 229 -19.27 7.02 -0.85
CA VAL A 229 -18.06 7.61 -1.38
C VAL A 229 -18.45 8.36 -2.64
N ILE A 230 -18.18 9.65 -2.66
CA ILE A 230 -18.55 10.50 -3.79
C ILE A 230 -17.30 10.91 -4.56
N ILE A 231 -17.13 10.34 -5.75
CA ILE A 231 -16.06 10.70 -6.64
C ILE A 231 -16.61 11.67 -7.69
N GLU A 232 -15.99 12.85 -7.79
CA GLU A 232 -16.46 13.88 -8.71
C GLU A 232 -15.79 13.80 -10.08
N ASP A 233 -16.21 14.66 -10.99
CA ASP A 233 -15.77 14.62 -12.38
C ASP A 233 -14.26 14.75 -12.53
N ASP A 234 -13.72 14.11 -13.55
CA ASP A 234 -12.30 14.23 -13.95
C ASP A 234 -11.31 13.82 -12.84
N VAL A 235 -11.76 12.89 -11.99
CA VAL A 235 -10.91 12.36 -10.92
C VAL A 235 -10.26 11.06 -11.35
N GLU A 236 -9.02 10.86 -10.92
CA GLU A 236 -8.31 9.62 -11.17
C GLU A 236 -7.91 8.95 -9.87
N ILE A 237 -8.00 7.61 -9.86
CA ILE A 237 -7.65 6.81 -8.70
C ILE A 237 -6.69 5.74 -9.15
N GLY A 238 -5.50 5.73 -8.53
CA GLY A 238 -4.41 4.83 -8.92
C GLY A 238 -4.65 3.36 -8.62
N ALA A 239 -3.65 2.54 -8.90
CA ALA A 239 -3.76 1.09 -8.75
C ALA A 239 -3.66 0.64 -7.31
N ASN A 240 -4.59 -0.23 -6.92
CA ASN A 240 -4.70 -0.78 -5.57
C ASN A 240 -4.88 0.23 -4.43
N THR A 241 -5.18 1.48 -4.81
CA THR A 241 -5.60 2.51 -3.86
C THR A 241 -6.92 2.10 -3.20
N THR A 242 -7.04 2.36 -1.91
CA THR A 242 -8.26 2.03 -1.18
C THR A 242 -8.91 3.29 -0.60
N ILE A 243 -10.19 3.48 -0.92
CA ILE A 243 -10.98 4.58 -0.37
C ILE A 243 -12.14 4.06 0.48
N ASP A 244 -12.14 4.42 1.75
CA ASP A 244 -13.15 3.97 2.70
C ASP A 244 -14.37 4.88 2.72
N ARG A 245 -15.55 4.27 2.89
CA ARG A 245 -16.80 5.00 3.05
C ARG A 245 -16.92 5.51 4.48
N GLY A 246 -17.69 6.57 4.67
CA GLY A 246 -17.95 7.11 6.01
C GLY A 246 -18.91 6.26 6.80
N ARG A 247 -18.98 6.51 8.11
CA ARG A 247 -19.92 5.78 8.97
C ARG A 247 -21.35 6.18 8.62
N PHE A 248 -21.59 7.48 8.55
CA PHE A 248 -22.88 8.02 8.11
C PHE A 248 -22.71 9.17 7.13
N LYS A 249 -21.62 9.93 7.28
CA LYS A 249 -21.27 11.00 6.34
C LYS A 249 -20.69 10.40 5.05
N HIS A 250 -20.18 11.24 4.16
CA HIS A 250 -19.60 10.75 2.91
C HIS A 250 -18.08 10.96 2.81
N SER A 251 -17.43 10.15 1.98
CA SER A 251 -16.02 10.36 1.64
C SER A 251 -15.97 10.96 0.25
N VAL A 252 -15.43 12.17 0.14
CA VAL A 252 -15.51 12.93 -1.10
C VAL A 252 -14.14 13.26 -1.70
N VAL A 253 -14.00 13.00 -3.01
CA VAL A 253 -12.88 13.50 -3.79
C VAL A 253 -13.43 14.48 -4.85
N ARG A 254 -13.13 15.76 -4.68
CA ARG A 254 -13.75 16.82 -5.49
C ARG A 254 -13.11 16.93 -6.88
N GLU A 255 -13.80 17.65 -7.77
CA GLU A 255 -13.40 17.88 -9.16
C GLU A 255 -11.90 17.84 -9.46
N GLY A 256 -11.52 17.02 -10.44
CA GLY A 256 -10.18 17.09 -11.02
C GLY A 256 -9.01 16.58 -10.22
N SER A 257 -9.28 16.04 -9.03
CA SER A 257 -8.21 15.52 -8.18
C SER A 257 -7.63 14.18 -8.63
N LYS A 258 -6.34 14.00 -8.38
CA LYS A 258 -5.58 12.87 -8.89
C LYS A 258 -4.91 12.11 -7.74
N ILE A 259 -5.40 10.90 -7.49
CA ILE A 259 -4.86 10.03 -6.43
C ILE A 259 -4.07 8.88 -7.02
N ASP A 260 -2.78 8.80 -6.65
CA ASP A 260 -1.85 7.81 -7.20
C ASP A 260 -2.09 6.39 -6.67
N ASN A 261 -1.11 5.51 -6.86
CA ASN A 261 -1.23 4.11 -6.47
C ASN A 261 -1.10 3.89 -4.98
N LEU A 262 -1.67 2.80 -4.47
CA LEU A 262 -1.44 2.35 -3.10
C LEU A 262 -1.76 3.41 -2.02
N VAL A 263 -2.52 4.43 -2.38
CA VAL A 263 -2.90 5.47 -1.44
C VAL A 263 -4.02 4.96 -0.54
N GLN A 264 -4.05 5.42 0.70
CA GLN A 264 -5.16 5.11 1.61
C GLN A 264 -5.94 6.36 1.94
N ILE A 265 -7.22 6.35 1.60
CA ILE A 265 -8.14 7.41 1.98
C ILE A 265 -9.07 6.80 2.99
N ALA A 266 -8.99 7.26 4.25
CA ALA A 266 -9.83 6.70 5.32
C ALA A 266 -11.28 7.14 5.24
N HIS A 267 -12.07 6.71 6.21
CA HIS A 267 -13.51 7.01 6.24
C HIS A 267 -13.78 8.49 6.45
N GLN A 268 -14.79 8.99 5.74
CA GLN A 268 -15.22 10.39 5.84
C GLN A 268 -14.07 11.37 5.63
N VAL A 269 -13.28 11.15 4.58
CA VAL A 269 -12.21 12.08 4.25
C VAL A 269 -12.69 12.94 3.08
N GLU A 270 -12.34 14.22 3.10
CA GLU A 270 -12.69 15.12 2.00
C GLU A 270 -11.43 15.65 1.33
N VAL A 271 -11.29 15.39 0.04
CA VAL A 271 -10.20 15.93 -0.75
C VAL A 271 -10.79 16.99 -1.68
N GLY A 272 -10.30 18.22 -1.57
CA GLY A 272 -10.73 19.35 -2.42
C GLY A 272 -10.44 19.19 -3.90
N GLN A 273 -10.58 20.27 -4.66
CA GLN A 273 -10.47 20.23 -6.12
C GLN A 273 -9.02 20.27 -6.59
N HIS A 274 -8.75 19.58 -7.70
CA HIS A 274 -7.46 19.64 -8.39
C HIS A 274 -6.31 19.41 -7.42
N SER A 275 -6.45 18.41 -6.57
CA SER A 275 -5.42 18.08 -5.61
C SER A 275 -4.74 16.77 -5.99
N MET A 276 -3.52 16.59 -5.49
CA MET A 276 -2.73 15.43 -5.84
C MET A 276 -2.20 14.67 -4.62
N ILE A 277 -2.50 13.38 -4.57
CA ILE A 277 -2.04 12.54 -3.50
C ILE A 277 -1.17 11.45 -4.10
N VAL A 278 0.13 11.58 -3.88
CA VAL A 278 1.10 10.68 -4.51
C VAL A 278 1.14 9.32 -3.83
N ALA A 279 1.76 8.36 -4.50
CA ALA A 279 1.70 6.95 -4.12
C ALA A 279 2.05 6.67 -2.67
N GLN A 280 1.27 5.77 -2.06
CA GLN A 280 1.61 5.19 -0.75
C GLN A 280 1.42 6.13 0.43
N ALA A 281 0.92 7.34 0.16
CA ALA A 281 0.54 8.26 1.22
C ALA A 281 -0.79 7.82 1.83
N GLY A 282 -1.09 8.31 3.03
CA GLY A 282 -2.37 8.02 3.68
C GLY A 282 -2.95 9.19 4.44
N ILE A 283 -4.26 9.39 4.28
CA ILE A 283 -4.99 10.36 5.08
C ILE A 283 -5.92 9.61 6.03
N ALA A 284 -5.83 9.90 7.32
CA ALA A 284 -6.70 9.27 8.32
C ALA A 284 -8.12 9.84 8.36
N GLY A 285 -8.94 9.32 9.27
CA GLY A 285 -10.38 9.57 9.25
C GLY A 285 -10.84 10.97 9.55
N SER A 286 -11.89 11.38 8.86
CA SER A 286 -12.57 12.67 9.09
C SER A 286 -11.68 13.89 8.89
N THR A 287 -10.73 13.80 7.96
CA THR A 287 -9.82 14.90 7.67
C THR A 287 -10.18 15.55 6.34
N LYS A 288 -10.16 16.89 6.33
CA LYS A 288 -10.45 17.65 5.13
C LYS A 288 -9.16 18.13 4.46
N ILE A 289 -8.98 17.75 3.20
CA ILE A 289 -7.88 18.27 2.37
C ILE A 289 -8.40 19.38 1.44
N GLY A 290 -7.65 20.48 1.36
CA GLY A 290 -8.04 21.63 0.53
C GLY A 290 -7.83 21.42 -0.97
N ASN A 291 -8.02 22.49 -1.74
CA ASN A 291 -7.78 22.46 -3.19
C ASN A 291 -6.33 22.79 -3.51
N HIS A 292 -5.86 22.27 -4.64
CA HIS A 292 -4.50 22.57 -5.12
C HIS A 292 -3.44 22.12 -4.12
N VAL A 293 -3.73 21.02 -3.44
CA VAL A 293 -2.84 20.44 -2.46
C VAL A 293 -2.03 19.31 -3.09
N ILE A 294 -0.73 19.28 -2.79
CA ILE A 294 0.09 18.13 -3.14
C ILE A 294 0.49 17.42 -1.85
N ILE A 295 0.06 16.17 -1.73
CA ILE A 295 0.46 15.31 -0.62
C ILE A 295 1.56 14.39 -1.11
N GLY A 296 2.78 14.59 -0.59
CA GLY A 296 3.95 13.82 -0.99
C GLY A 296 3.81 12.33 -0.79
N GLY A 297 4.59 11.56 -1.53
CA GLY A 297 4.54 10.10 -1.47
C GLY A 297 4.90 9.59 -0.10
N GLN A 298 4.21 8.53 0.33
CA GLN A 298 4.45 7.87 1.62
C GLN A 298 4.08 8.71 2.83
N ALA A 299 3.65 9.95 2.60
CA ALA A 299 3.27 10.87 3.68
C ALA A 299 2.06 10.40 4.45
N GLY A 300 1.99 10.81 5.71
CA GLY A 300 0.88 10.47 6.58
C GLY A 300 0.21 11.71 7.17
N ILE A 301 -1.11 11.66 7.23
CA ILE A 301 -1.90 12.75 7.75
C ILE A 301 -2.89 12.23 8.81
N THR A 302 -2.80 12.76 10.03
CA THR A 302 -3.71 12.40 11.15
C THR A 302 -5.17 12.65 10.83
N GLY A 303 -6.05 12.09 11.64
CA GLY A 303 -7.47 12.33 11.50
C GLY A 303 -7.92 13.59 12.21
N HIS A 304 -9.07 14.11 11.80
CA HIS A 304 -9.71 15.27 12.44
C HIS A 304 -8.87 16.54 12.40
N ILE A 305 -8.16 16.72 11.30
CA ILE A 305 -7.41 17.93 11.04
C ILE A 305 -7.80 18.48 9.68
N CYS A 306 -7.28 19.67 9.36
CA CYS A 306 -7.53 20.31 8.08
C CYS A 306 -6.23 20.64 7.37
N ILE A 307 -6.22 20.51 6.05
CA ILE A 307 -5.09 20.96 5.25
C ILE A 307 -5.57 22.10 4.34
N ALA A 308 -4.96 23.27 4.49
CA ALA A 308 -5.38 24.47 3.78
C ALA A 308 -5.12 24.39 2.28
N ASP A 309 -5.73 25.30 1.52
CA ASP A 309 -5.52 25.37 0.08
C ASP A 309 -4.07 25.69 -0.24
N HIS A 310 -3.61 25.16 -1.37
CA HIS A 310 -2.25 25.40 -1.87
C HIS A 310 -1.18 25.00 -0.85
N VAL A 311 -1.34 23.84 -0.24
CA VAL A 311 -0.31 23.28 0.63
C VAL A 311 0.41 22.15 -0.10
N ILE A 312 1.72 22.11 0.03
CA ILE A 312 2.51 21.00 -0.53
C ILE A 312 3.29 20.32 0.58
N MET A 313 3.06 19.01 0.72
CA MET A 313 3.82 18.19 1.65
C MET A 313 4.88 17.42 0.89
N MET A 314 6.12 17.45 1.39
CA MET A 314 7.19 16.61 0.86
C MET A 314 6.89 15.14 1.19
N ALA A 315 7.58 14.23 0.50
CA ALA A 315 7.42 12.80 0.78
C ALA A 315 7.69 12.49 2.25
N GLN A 316 7.09 11.40 2.73
CA GLN A 316 7.33 10.88 4.08
C GLN A 316 7.06 11.91 5.18
N THR A 317 6.22 12.89 4.87
CA THR A 317 5.81 13.88 5.84
C THR A 317 4.80 13.26 6.81
N GLY A 318 4.92 13.62 8.08
CA GLY A 318 4.01 13.17 9.11
C GLY A 318 3.29 14.38 9.65
N VAL A 319 2.04 14.53 9.24
CA VAL A 319 1.24 15.69 9.62
C VAL A 319 0.42 15.33 10.86
N THR A 320 0.64 16.06 11.95
CA THR A 320 -0.01 15.76 13.24
C THR A 320 -1.01 16.82 13.68
N LYS A 321 -0.85 18.05 13.20
CA LYS A 321 -1.79 19.14 13.44
C LYS A 321 -2.31 19.67 12.12
N SER A 322 -3.29 20.56 12.17
CA SER A 322 -3.78 21.21 10.95
C SER A 322 -2.73 22.16 10.38
N ILE A 323 -2.87 22.44 9.08
CA ILE A 323 -2.04 23.40 8.39
C ILE A 323 -2.98 24.46 7.81
N THR A 324 -2.87 25.69 8.32
CA THR A 324 -3.86 26.74 7.99
C THR A 324 -3.40 27.71 6.90
N SER A 325 -2.09 27.79 6.70
CA SER A 325 -1.52 28.64 5.68
C SER A 325 -0.75 27.83 4.64
N PRO A 326 -0.77 28.28 3.37
CA PRO A 326 -0.11 27.61 2.24
C PRO A 326 1.41 27.51 2.35
N GLY A 327 2.04 26.83 1.40
CA GLY A 327 3.49 26.66 1.39
C GLY A 327 3.96 25.21 1.38
N ILE A 328 5.28 25.05 1.48
CA ILE A 328 5.89 23.73 1.46
C ILE A 328 6.10 23.22 2.89
N TYR A 329 5.75 21.95 3.12
CA TYR A 329 5.84 21.36 4.45
C TYR A 329 6.56 20.02 4.42
N GLY A 330 7.32 19.75 5.48
CA GLY A 330 8.06 18.50 5.61
C GLY A 330 8.29 18.08 7.05
N GLY A 331 8.76 16.85 7.22
CA GLY A 331 9.12 16.32 8.54
C GLY A 331 7.98 15.66 9.30
N ALA A 332 8.34 14.98 10.38
CA ALA A 332 7.39 14.35 11.30
C ALA A 332 7.80 14.71 12.73
N PRO A 333 7.02 15.57 13.41
CA PRO A 333 5.79 16.19 12.90
C PRO A 333 6.10 17.23 11.82
N ALA A 334 5.07 17.62 11.08
CA ALA A 334 5.23 18.56 9.97
C ALA A 334 5.39 20.00 10.46
N ARG A 335 6.40 20.68 9.91
CA ARG A 335 6.61 22.10 10.13
C ARG A 335 7.02 22.77 8.80
N PRO A 336 6.75 24.09 8.65
CA PRO A 336 7.03 24.81 7.41
C PRO A 336 8.45 24.58 6.92
N TYR A 337 8.59 24.17 5.66
CA TYR A 337 9.86 23.64 5.14
C TYR A 337 11.12 24.25 5.75
N GLN A 338 11.25 25.57 5.67
CA GLN A 338 12.46 26.26 6.10
C GLN A 338 12.90 25.84 7.50
N GLU A 339 11.92 25.62 8.38
CA GLU A 339 12.16 25.17 9.76
C GLU A 339 12.80 23.79 9.84
N ILE A 340 12.27 22.83 9.08
CA ILE A 340 12.83 21.47 9.14
C ILE A 340 14.13 21.35 8.35
N HIS A 341 14.32 22.23 7.37
CA HIS A 341 15.61 22.32 6.71
C HIS A 341 16.64 22.80 7.73
N ARG A 342 16.30 23.89 8.42
CA ARG A 342 17.13 24.46 9.49
C ARG A 342 17.40 23.44 10.59
N GLN A 343 16.45 22.54 10.83
CA GLN A 343 16.63 21.51 11.86
C GLN A 343 17.61 20.42 11.44
N VAL A 344 17.34 19.77 10.30
CA VAL A 344 18.22 18.71 9.79
C VAL A 344 19.66 19.22 9.83
N ALA A 345 19.85 20.45 9.38
CA ALA A 345 21.14 21.13 9.40
C ALA A 345 21.74 21.12 10.81
N LYS A 346 21.04 21.75 11.76
CA LYS A 346 21.51 21.85 13.15
C LYS A 346 21.76 20.48 13.80
N VAL A 347 20.89 19.52 13.52
CA VAL A 347 21.05 18.15 14.02
C VAL A 347 22.33 17.53 13.44
N ARG A 348 22.57 17.76 12.16
CA ARG A 348 23.77 17.25 11.50
C ARG A 348 25.04 17.89 12.07
N ASN A 349 24.95 19.17 12.41
CA ASN A 349 26.08 19.92 12.96
C ASN A 349 26.14 19.85 14.50
N LEU A 350 25.71 18.71 15.05
CA LEU A 350 25.78 18.49 16.50
C LEU A 350 27.19 18.17 17.01
N PRO A 351 27.98 17.33 16.30
CA PRO A 351 29.36 17.06 16.72
C PRO A 351 30.22 18.33 16.79
N ARG A 352 30.03 19.22 15.82
CA ARG A 352 30.72 20.51 15.80
C ARG A 352 30.27 21.39 16.98
N LEU A 353 29.00 21.26 17.35
CA LEU A 353 28.45 21.99 18.49
C LEU A 353 28.93 21.40 19.82
N GLU A 354 29.32 20.13 19.78
CA GLU A 354 29.82 19.43 20.96
C GLU A 354 31.30 19.76 21.22
N GLU A 355 32.10 19.74 20.16
CA GLU A 355 33.50 20.14 20.21
C GLU A 355 33.61 21.63 20.57
N ARG A 356 32.53 22.36 20.27
CA ARG A 356 32.42 23.78 20.60
C ARG A 356 32.18 23.98 22.09
N ILE A 357 31.68 22.93 22.75
CA ILE A 357 31.50 22.93 24.20
C ILE A 357 32.70 22.26 24.87
N ALA A 358 33.13 21.11 24.34
CA ALA A 358 34.24 20.33 24.89
C ALA A 358 35.52 21.16 25.05
N ALA A 359 35.90 21.88 24.00
CA ALA A 359 37.08 22.75 24.04
C ALA A 359 36.83 24.01 24.89
N LEU A 360 35.56 24.43 24.95
CA LEU A 360 35.14 25.55 25.78
C LEU A 360 35.14 25.17 27.25
N GLU A 361 34.79 23.92 27.54
CA GLU A 361 34.83 23.36 28.89
C GLU A 361 36.28 23.24 29.41
N LYS A 362 37.21 22.98 28.49
CA LYS A 362 38.64 22.85 28.81
C LYS A 362 39.17 24.11 29.49
N LEU A 363 38.58 25.26 29.17
CA LEU A 363 38.87 26.50 29.87
C LEU A 363 38.21 26.46 31.26
N VAL A 364 38.92 25.86 32.22
CA VAL A 364 38.48 25.76 33.61
C VAL A 364 39.54 26.37 34.53
N GLN A 365 39.36 27.66 34.82
CA GLN A 365 40.32 28.45 35.59
C GLN A 365 39.69 29.02 36.85
N LYS A 366 40.42 28.90 37.96
CA LYS A 366 39.98 29.42 39.27
C LYS A 366 38.56 29.02 39.63
N MET B 21 -37.83 6.59 -1.07
CA MET B 21 -37.07 5.51 -0.35
C MET B 21 -37.06 5.71 1.17
N SER B 22 -36.31 6.71 1.65
CA SER B 22 -36.24 7.01 3.09
C SER B 22 -35.99 8.50 3.41
N GLN B 23 -36.99 9.32 3.09
CA GLN B 23 -37.11 10.65 3.66
C GLN B 23 -37.78 10.50 5.04
N SER B 24 -37.37 9.48 5.77
CA SER B 24 -38.07 9.01 6.97
C SER B 24 -37.86 9.91 8.17
N THR B 25 -38.98 10.26 8.81
CA THR B 25 -39.00 11.13 9.96
C THR B 25 -39.69 10.40 11.12
N TYR B 26 -39.08 10.44 12.30
CA TYR B 26 -39.67 9.85 13.50
C TYR B 26 -39.66 10.89 14.60
N SER B 27 -40.61 10.77 15.53
CA SER B 27 -40.64 11.67 16.68
C SER B 27 -39.63 11.20 17.71
N LEU B 28 -39.19 12.12 18.58
CA LEU B 28 -38.24 11.78 19.64
C LEU B 28 -38.77 10.64 20.50
N GLU B 29 -40.07 10.67 20.77
CA GLU B 29 -40.73 9.63 21.57
C GLU B 29 -40.73 8.28 20.85
N GLN B 30 -41.16 8.28 19.60
CA GLN B 30 -41.15 7.07 18.77
C GLN B 30 -39.79 6.40 18.82
N LEU B 31 -38.76 7.21 18.62
CA LEU B 31 -37.39 6.74 18.61
C LEU B 31 -37.01 6.15 19.97
N ALA B 32 -37.36 6.86 21.03
CA ALA B 32 -37.04 6.43 22.40
C ALA B 32 -37.65 5.07 22.72
N ASP B 33 -38.84 4.79 22.20
CA ASP B 33 -39.46 3.49 22.40
C ASP B 33 -38.67 2.41 21.65
N PHE B 34 -38.44 2.63 20.36
CA PHE B 34 -37.65 1.71 19.55
C PHE B 34 -36.28 1.45 20.20
N LEU B 35 -35.66 2.51 20.70
CA LEU B 35 -34.36 2.42 21.38
C LEU B 35 -34.45 1.80 22.78
N LYS B 36 -35.66 1.78 23.34
CA LYS B 36 -35.91 1.36 24.72
C LYS B 36 -35.00 2.15 25.67
N VAL B 37 -35.19 3.46 25.68
CA VAL B 37 -34.24 4.42 26.24
C VAL B 37 -34.98 5.61 26.87
N GLU B 38 -34.46 6.10 27.99
CA GLU B 38 -35.01 7.29 28.66
C GLU B 38 -34.75 8.54 27.83
N PHE B 39 -35.66 9.50 27.89
CA PHE B 39 -35.46 10.75 27.15
C PHE B 39 -35.82 12.02 27.90
N GLN B 40 -35.32 13.14 27.39
CA GLN B 40 -35.64 14.47 27.89
C GLN B 40 -35.95 15.36 26.69
N GLY B 41 -36.95 16.22 26.84
CA GLY B 41 -37.36 17.12 25.77
C GLY B 41 -38.71 16.77 25.17
N ASN B 42 -39.22 17.67 24.34
CA ASN B 42 -40.51 17.50 23.68
C ASN B 42 -40.57 16.18 22.90
N GLY B 43 -41.61 15.40 23.17
CA GLY B 43 -41.82 14.12 22.48
C GLY B 43 -42.00 14.30 20.98
N ALA B 44 -42.79 15.30 20.60
CA ALA B 44 -43.15 15.57 19.21
C ALA B 44 -41.99 16.01 18.31
N THR B 45 -40.86 16.34 18.93
CA THR B 45 -39.65 16.71 18.17
C THR B 45 -39.39 15.73 17.03
N LEU B 46 -39.46 16.24 15.80
CA LEU B 46 -39.33 15.44 14.58
C LEU B 46 -37.88 15.31 14.13
N LEU B 47 -37.41 14.06 14.10
CA LEU B 47 -36.02 13.72 13.74
C LEU B 47 -36.02 12.97 12.43
N SER B 48 -35.19 13.41 11.48
CA SER B 48 -35.22 12.85 10.13
C SER B 48 -33.86 12.42 9.60
N GLY B 49 -32.88 12.31 10.50
CA GLY B 49 -31.57 11.81 10.12
C GLY B 49 -30.54 11.87 11.23
N VAL B 50 -29.34 11.36 10.93
CA VAL B 50 -28.21 11.46 11.84
C VAL B 50 -27.22 12.51 11.36
N GLU B 51 -26.52 13.12 12.30
CA GLU B 51 -25.47 14.08 11.98
C GLU B 51 -24.40 14.02 13.08
N GLU B 52 -23.19 14.44 12.75
CA GLU B 52 -22.12 14.55 13.74
C GLU B 52 -22.39 15.70 14.72
N ILE B 53 -21.86 15.59 15.94
CA ILE B 53 -22.16 16.53 17.02
C ILE B 53 -21.77 18.00 16.74
N GLU B 54 -20.74 18.23 15.92
CA GLU B 54 -20.33 19.60 15.60
C GLU B 54 -21.35 20.31 14.71
N GLU B 55 -22.00 19.55 13.82
CA GLU B 55 -22.80 20.11 12.75
C GLU B 55 -24.31 19.96 12.89
N ALA B 56 -24.75 19.06 13.78
CA ALA B 56 -26.16 18.68 13.89
C ALA B 56 -27.12 19.86 14.00
N LYS B 57 -28.12 19.89 13.11
CA LYS B 57 -29.20 20.87 13.14
C LYS B 57 -30.42 20.30 13.88
N THR B 58 -31.53 21.06 13.89
CA THR B 58 -32.72 20.69 14.67
C THR B 58 -33.42 19.44 14.13
N ALA B 59 -33.14 19.13 12.86
CA ALA B 59 -33.71 17.97 12.21
C ALA B 59 -33.05 16.65 12.65
N HIS B 60 -31.92 16.75 13.35
CA HIS B 60 -30.96 15.65 13.46
C HIS B 60 -30.78 14.98 14.80
N ILE B 61 -30.47 13.69 14.75
CA ILE B 61 -30.01 12.93 15.91
C ILE B 61 -28.47 12.88 15.89
N THR B 62 -27.85 13.08 17.05
CA THR B 62 -26.40 12.97 17.18
C THR B 62 -26.06 12.26 18.48
N PHE B 63 -24.78 11.95 18.67
CA PHE B 63 -24.36 11.27 19.89
C PHE B 63 -23.13 11.89 20.52
N LEU B 64 -23.04 11.79 21.84
CA LEU B 64 -21.84 12.15 22.56
C LEU B 64 -21.28 10.91 23.24
N ASP B 65 -20.16 10.42 22.71
CA ASP B 65 -19.52 9.22 23.20
C ASP B 65 -18.11 9.54 23.65
N ASN B 66 -17.47 10.46 22.93
CA ASN B 66 -16.09 10.86 23.18
C ASN B 66 -16.05 12.18 23.96
N GLU B 67 -15.25 12.23 25.01
CA GLU B 67 -15.17 13.43 25.85
C GLU B 67 -14.56 14.65 25.16
N LYS B 68 -13.79 14.41 24.10
CA LYS B 68 -13.22 15.49 23.30
C LYS B 68 -14.30 16.26 22.54
N TYR B 69 -15.53 15.70 22.52
CA TYR B 69 -16.67 16.26 21.79
C TYR B 69 -17.67 16.93 22.72
N ALA B 70 -17.43 16.84 24.03
CA ALA B 70 -18.28 17.45 25.02
C ALA B 70 -18.31 18.98 24.87
N LYS B 71 -17.38 19.52 24.10
CA LYS B 71 -17.32 20.95 23.76
C LYS B 71 -18.55 21.37 22.97
N HIS B 72 -18.78 20.68 21.86
CA HIS B 72 -19.83 21.02 20.89
C HIS B 72 -21.25 20.75 21.41
N LEU B 73 -21.33 20.37 22.68
CA LEU B 73 -22.59 20.06 23.32
C LEU B 73 -23.31 21.32 23.78
N LYS B 74 -22.54 22.25 24.37
CA LYS B 74 -23.09 23.45 25.00
C LYS B 74 -23.88 24.30 24.01
N SER B 75 -23.36 24.40 22.79
CA SER B 75 -23.93 25.27 21.76
C SER B 75 -24.76 24.50 20.72
N SER B 76 -24.93 23.20 20.96
CA SER B 76 -25.60 22.30 20.01
C SER B 76 -27.07 22.65 19.74
N GLU B 77 -27.40 22.79 18.46
CA GLU B 77 -28.78 22.99 18.04
C GLU B 77 -29.40 21.68 17.55
N ALA B 78 -28.85 20.55 18.02
CA ALA B 78 -29.29 19.22 17.60
C ALA B 78 -30.74 18.96 18.00
N GLY B 79 -31.42 18.15 17.21
CA GLY B 79 -32.78 17.71 17.53
C GLY B 79 -32.84 16.63 18.60
N ALA B 80 -31.74 15.92 18.78
CA ALA B 80 -31.66 14.84 19.77
C ALA B 80 -30.22 14.39 19.98
N ILE B 81 -29.84 14.16 21.23
CA ILE B 81 -28.47 13.73 21.56
C ILE B 81 -28.44 12.45 22.37
N ILE B 82 -27.89 11.39 21.78
CA ILE B 82 -27.72 10.14 22.51
C ILE B 82 -26.55 10.32 23.48
N ILE B 83 -26.73 9.89 24.72
CA ILE B 83 -25.80 10.24 25.78
C ILE B 83 -25.80 9.20 26.90
N SER B 84 -24.63 8.98 27.50
CA SER B 84 -24.53 8.08 28.65
C SER B 84 -25.16 8.73 29.88
N ARG B 85 -25.55 7.91 30.84
CA ARG B 85 -26.18 8.40 32.08
C ARG B 85 -25.28 9.32 32.90
N THR B 86 -23.97 9.07 32.83
CA THR B 86 -22.95 9.86 33.56
C THR B 86 -22.74 11.22 32.91
N GLN B 87 -22.72 11.24 31.57
CA GLN B 87 -22.55 12.49 30.83
C GLN B 87 -23.80 13.35 30.95
N PHE B 88 -24.96 12.70 31.09
CA PHE B 88 -26.21 13.43 31.31
C PHE B 88 -26.14 14.12 32.66
N GLN B 89 -25.80 13.36 33.70
CA GLN B 89 -25.63 13.92 35.04
C GLN B 89 -24.73 15.15 35.06
N LYS B 90 -23.64 15.09 34.31
CA LYS B 90 -22.69 16.19 34.19
C LYS B 90 -23.30 17.39 33.48
N TYR B 91 -23.94 17.15 32.33
CA TYR B 91 -24.51 18.21 31.51
C TYR B 91 -26.03 18.28 31.67
N ARG B 92 -26.50 17.96 32.87
CA ARG B 92 -27.93 17.88 33.19
C ARG B 92 -28.68 19.19 33.06
N ASP B 93 -28.04 20.28 33.48
CA ASP B 93 -28.63 21.62 33.51
C ASP B 93 -28.96 22.19 32.11
N LEU B 94 -28.49 21.51 31.07
CA LEU B 94 -28.69 21.95 29.69
C LEU B 94 -30.10 21.62 29.16
N ASN B 95 -30.66 22.54 28.39
CA ASN B 95 -31.98 22.34 27.79
C ASN B 95 -31.90 21.73 26.39
N LYS B 96 -31.37 20.52 26.32
CA LYS B 96 -31.23 19.81 25.05
C LYS B 96 -32.06 18.54 25.06
N ASN B 97 -32.47 18.10 23.86
CA ASN B 97 -33.18 16.84 23.72
C ASN B 97 -32.24 15.65 23.96
N PHE B 98 -32.42 14.96 25.08
CA PHE B 98 -31.54 13.85 25.42
C PHE B 98 -32.20 12.49 25.26
N LEU B 99 -31.45 11.54 24.69
CA LEU B 99 -31.78 10.13 24.78
C LEU B 99 -30.70 9.52 25.66
N ILE B 100 -31.10 9.02 26.82
CA ILE B 100 -30.16 8.57 27.83
C ILE B 100 -30.05 7.04 27.87
N THR B 101 -28.83 6.54 27.68
CA THR B 101 -28.57 5.10 27.61
C THR B 101 -27.46 4.65 28.57
N SER B 102 -27.51 3.38 28.96
CA SER B 102 -26.48 2.79 29.82
C SER B 102 -25.45 2.03 28.99
N GLU B 103 -25.85 1.68 27.76
CA GLU B 103 -24.96 1.06 26.79
C GLU B 103 -24.04 2.11 26.17
N SER B 104 -23.17 1.69 25.26
CA SER B 104 -22.33 2.61 24.52
C SER B 104 -23.21 3.53 23.69
N PRO B 105 -23.10 4.85 23.92
CA PRO B 105 -23.81 5.86 23.11
C PRO B 105 -23.63 5.66 21.61
N SER B 106 -22.44 5.21 21.20
CA SER B 106 -22.14 4.96 19.78
C SER B 106 -22.93 3.79 19.20
N LEU B 107 -23.08 2.74 19.99
CA LEU B 107 -23.85 1.57 19.58
C LEU B 107 -25.34 1.92 19.45
N VAL B 108 -25.84 2.70 20.41
CA VAL B 108 -27.22 3.16 20.40
C VAL B 108 -27.44 4.08 19.21
N PHE B 109 -26.40 4.84 18.87
CA PHE B 109 -26.45 5.72 17.71
C PHE B 109 -26.49 4.90 16.44
N GLN B 110 -25.85 3.72 16.48
CA GLN B 110 -25.83 2.80 15.35
C GLN B 110 -27.23 2.28 15.03
N LYS B 111 -28.02 2.06 16.08
CA LYS B 111 -29.41 1.59 15.95
C LYS B 111 -30.29 2.58 15.18
N CYS B 112 -30.09 3.87 15.46
CA CYS B 112 -30.75 4.95 14.74
C CYS B 112 -30.28 5.02 13.31
N LEU B 113 -28.95 5.00 13.14
CA LEU B 113 -28.30 5.10 11.84
C LEU B 113 -28.91 4.14 10.82
N GLU B 114 -29.16 2.91 11.25
CA GLU B 114 -29.76 1.89 10.41
C GLU B 114 -31.25 2.11 10.09
N LEU B 115 -31.96 2.84 10.94
CA LEU B 115 -33.37 3.18 10.70
C LEU B 115 -33.55 4.07 9.48
N PHE B 116 -32.60 4.96 9.24
CA PHE B 116 -32.68 5.88 8.13
C PHE B 116 -32.03 5.30 6.88
N ILE B 117 -30.78 4.83 7.02
CA ILE B 117 -30.09 4.22 5.89
C ILE B 117 -30.01 2.71 6.05
N THR B 118 -30.92 2.02 5.36
CA THR B 118 -30.92 0.57 5.26
C THR B 118 -29.71 0.08 4.45
N PRO B 119 -29.07 -1.02 4.89
CA PRO B 119 -27.96 -1.61 4.13
C PRO B 119 -28.48 -2.39 2.92
N VAL B 120 -27.58 -2.71 1.98
CA VAL B 120 -27.95 -3.40 0.74
C VAL B 120 -26.92 -4.45 0.32
N ASP B 121 -27.41 -5.53 -0.28
CA ASP B 121 -26.56 -6.57 -0.88
C ASP B 121 -26.55 -6.42 -2.40
N SER B 122 -25.71 -7.21 -3.07
CA SER B 122 -25.54 -7.16 -4.52
C SER B 122 -26.84 -7.42 -5.29
N GLY B 123 -27.67 -8.31 -4.75
CA GLY B 123 -28.90 -8.72 -5.41
C GLY B 123 -28.78 -10.04 -6.14
N PHE B 124 -27.74 -10.81 -5.81
CA PHE B 124 -27.54 -12.14 -6.37
C PHE B 124 -27.57 -13.16 -5.23
N PRO B 125 -28.79 -13.64 -4.86
CA PRO B 125 -28.99 -14.48 -3.67
C PRO B 125 -28.44 -15.90 -3.80
N GLY B 126 -27.95 -16.43 -2.69
CA GLY B 126 -27.45 -17.80 -2.63
C GLY B 126 -26.26 -18.06 -3.52
N ILE B 127 -26.17 -19.28 -4.05
CA ILE B 127 -25.07 -19.68 -4.92
C ILE B 127 -25.42 -19.37 -6.38
N HIS B 128 -24.77 -18.35 -6.93
CA HIS B 128 -25.04 -17.87 -8.28
C HIS B 128 -24.59 -18.86 -9.36
N PRO B 129 -25.43 -19.07 -10.40
CA PRO B 129 -25.14 -19.96 -11.53
C PRO B 129 -23.69 -19.99 -11.99
N THR B 130 -23.05 -18.83 -12.06
CA THR B 130 -21.71 -18.69 -12.65
C THR B 130 -20.56 -18.95 -11.68
N ALA B 131 -20.85 -19.38 -10.47
CA ALA B 131 -19.81 -19.76 -9.54
C ALA B 131 -19.17 -21.07 -9.96
N VAL B 132 -17.87 -21.20 -9.73
CA VAL B 132 -17.15 -22.45 -9.97
C VAL B 132 -16.79 -23.06 -8.63
N ILE B 133 -17.21 -24.30 -8.42
CA ILE B 133 -16.90 -25.02 -7.19
C ILE B 133 -16.31 -26.38 -7.54
N HIS B 134 -15.07 -26.61 -7.12
CA HIS B 134 -14.42 -27.88 -7.40
C HIS B 134 -15.20 -29.00 -6.73
N PRO B 135 -15.50 -30.07 -7.49
CA PRO B 135 -16.29 -31.20 -7.02
C PRO B 135 -15.89 -31.68 -5.63
N THR B 136 -14.59 -31.65 -5.33
CA THR B 136 -14.06 -32.12 -4.05
C THR B 136 -14.29 -31.15 -2.89
N ALA B 137 -14.68 -29.91 -3.20
CA ALA B 137 -14.95 -28.89 -2.17
C ALA B 137 -16.27 -29.13 -1.45
N ILE B 138 -16.36 -28.67 -0.20
CA ILE B 138 -17.56 -28.83 0.60
C ILE B 138 -18.24 -27.49 0.88
N ILE B 139 -19.50 -27.39 0.47
CA ILE B 139 -20.30 -26.20 0.69
C ILE B 139 -21.45 -26.53 1.63
N GLU B 140 -21.51 -25.80 2.74
CA GLU B 140 -22.54 -26.03 3.75
C GLU B 140 -23.89 -25.39 3.37
N ASP B 141 -24.69 -25.04 4.37
CA ASP B 141 -26.04 -24.52 4.17
C ASP B 141 -26.06 -23.00 4.15
N HIS B 142 -27.17 -22.45 3.66
CA HIS B 142 -27.46 -21.01 3.68
C HIS B 142 -26.26 -20.14 3.27
N VAL B 143 -25.37 -20.70 2.45
CA VAL B 143 -24.18 -19.98 1.99
C VAL B 143 -24.44 -19.26 0.67
N CYS B 144 -23.89 -18.06 0.57
CA CYS B 144 -23.98 -17.25 -0.63
C CYS B 144 -22.62 -17.17 -1.32
N ILE B 145 -22.58 -17.62 -2.57
CA ILE B 145 -21.39 -17.46 -3.40
C ILE B 145 -21.79 -16.62 -4.62
N GLU B 146 -21.17 -15.45 -4.73
CA GLU B 146 -21.51 -14.48 -5.78
C GLU B 146 -20.87 -14.81 -7.13
N PRO B 147 -21.35 -14.17 -8.22
CA PRO B 147 -20.83 -14.35 -9.58
C PRO B 147 -19.31 -14.48 -9.70
N TYR B 148 -18.87 -15.45 -10.51
CA TYR B 148 -17.46 -15.65 -10.90
C TYR B 148 -16.45 -15.83 -9.75
N ALA B 149 -16.96 -16.17 -8.58
CA ALA B 149 -16.10 -16.63 -7.49
C ALA B 149 -15.67 -18.07 -7.76
N VAL B 150 -14.46 -18.40 -7.34
CA VAL B 150 -13.88 -19.72 -7.59
C VAL B 150 -13.51 -20.39 -6.27
N VAL B 151 -14.00 -21.61 -6.06
CA VAL B 151 -13.70 -22.39 -4.88
C VAL B 151 -12.87 -23.63 -5.28
N CYS B 152 -11.62 -23.67 -4.83
CA CYS B 152 -10.67 -24.70 -5.24
C CYS B 152 -10.86 -26.03 -4.53
N GLN B 153 -10.12 -27.04 -4.99
CA GLN B 153 -10.25 -28.42 -4.49
C GLN B 153 -10.21 -28.52 -2.97
N HIS B 154 -11.00 -29.45 -2.43
CA HIS B 154 -11.03 -29.76 -0.99
C HIS B 154 -11.07 -28.55 -0.06
N ALA B 155 -11.73 -27.48 -0.50
CA ALA B 155 -12.03 -26.36 0.37
C ALA B 155 -13.29 -26.65 1.18
N HIS B 156 -13.54 -25.86 2.22
CA HIS B 156 -14.73 -26.01 3.02
C HIS B 156 -15.32 -24.64 3.30
N VAL B 157 -16.58 -24.45 2.88
CA VAL B 157 -17.30 -23.21 3.15
C VAL B 157 -18.31 -23.44 4.28
N GLY B 158 -18.04 -22.80 5.42
CA GLY B 158 -18.90 -22.90 6.61
C GLY B 158 -20.32 -22.43 6.37
N SER B 159 -21.23 -22.82 7.26
CA SER B 159 -22.64 -22.50 7.12
C SER B 159 -22.90 -20.99 7.21
N ALA B 160 -23.71 -20.49 6.27
CA ALA B 160 -24.05 -19.07 6.17
C ALA B 160 -22.83 -18.15 5.94
N CYS B 161 -21.99 -18.55 5.00
CA CYS B 161 -20.87 -17.72 4.56
C CYS B 161 -21.25 -16.86 3.37
N HIS B 162 -20.53 -15.76 3.18
CA HIS B 162 -20.71 -14.93 2.01
C HIS B 162 -19.40 -14.83 1.24
N ILE B 163 -19.40 -15.34 0.02
CA ILE B 163 -18.22 -15.25 -0.85
C ILE B 163 -18.48 -14.21 -1.93
N GLY B 164 -17.67 -13.15 -1.92
CA GLY B 164 -17.82 -12.05 -2.86
C GLY B 164 -17.45 -12.44 -4.29
N SER B 165 -17.92 -11.65 -5.23
CA SER B 165 -17.67 -11.88 -6.65
C SER B 165 -16.19 -11.99 -6.93
N GLY B 166 -15.83 -12.93 -7.80
CA GLY B 166 -14.43 -13.09 -8.22
C GLY B 166 -13.45 -13.34 -7.10
N SER B 167 -13.94 -13.88 -5.99
CA SER B 167 -13.07 -14.25 -4.90
C SER B 167 -12.59 -15.68 -5.07
N VAL B 168 -11.36 -15.95 -4.63
CA VAL B 168 -10.78 -17.29 -4.73
C VAL B 168 -10.63 -17.90 -3.35
N ILE B 169 -11.19 -19.09 -3.17
CA ILE B 169 -10.94 -19.87 -1.98
C ILE B 169 -10.02 -20.99 -2.42
N GLY B 170 -8.72 -20.79 -2.17
CA GLY B 170 -7.67 -21.74 -2.56
C GLY B 170 -7.79 -23.12 -1.95
N ALA B 171 -6.99 -24.05 -2.48
CA ALA B 171 -7.06 -25.46 -2.11
C ALA B 171 -6.87 -25.69 -0.61
N TYR B 172 -7.62 -26.67 -0.08
CA TYR B 172 -7.55 -27.10 1.32
C TYR B 172 -7.76 -26.02 2.38
N SER B 173 -8.14 -24.82 1.93
CA SER B 173 -8.45 -23.70 2.80
C SER B 173 -9.88 -23.80 3.32
N THR B 174 -10.07 -23.40 4.57
CA THR B 174 -11.37 -23.52 5.23
C THR B 174 -11.87 -22.17 5.73
N VAL B 175 -13.14 -21.89 5.46
CA VAL B 175 -13.79 -20.66 5.89
C VAL B 175 -14.88 -21.00 6.92
N GLY B 176 -14.77 -20.39 8.10
CA GLY B 176 -15.72 -20.63 9.20
C GLY B 176 -17.10 -20.04 8.97
N GLU B 177 -18.06 -20.41 9.83
CA GLU B 177 -19.44 -19.94 9.71
C GLU B 177 -19.58 -18.42 9.88
N HIS B 178 -20.61 -17.87 9.23
CA HIS B 178 -20.94 -16.44 9.28
C HIS B 178 -19.83 -15.48 8.85
N SER B 179 -18.74 -16.03 8.31
CA SER B 179 -17.67 -15.23 7.74
C SER B 179 -18.17 -14.55 6.47
N TYR B 180 -17.73 -13.31 6.28
CA TYR B 180 -18.14 -12.51 5.13
C TYR B 180 -16.91 -12.12 4.32
N ILE B 181 -16.79 -12.70 3.13
CA ILE B 181 -15.69 -12.36 2.22
C ILE B 181 -16.19 -11.45 1.11
N HIS B 182 -15.59 -10.27 1.00
CA HIS B 182 -15.95 -9.33 -0.06
C HIS B 182 -15.35 -9.74 -1.42
N PRO B 183 -15.80 -9.07 -2.50
CA PRO B 183 -15.31 -9.42 -3.85
C PRO B 183 -13.81 -9.24 -4.09
N ARG B 184 -13.32 -9.95 -5.09
CA ARG B 184 -11.89 -10.10 -5.45
C ARG B 184 -10.92 -10.22 -4.27
N VAL B 185 -11.19 -11.22 -3.44
CA VAL B 185 -10.29 -11.61 -2.37
C VAL B 185 -9.58 -12.89 -2.78
N VAL B 186 -8.27 -12.94 -2.57
CA VAL B 186 -7.51 -14.16 -2.83
C VAL B 186 -7.17 -14.81 -1.49
N ILE B 187 -7.83 -15.93 -1.22
CA ILE B 187 -7.44 -16.84 -0.16
C ILE B 187 -6.58 -17.87 -0.87
N ARG B 188 -5.28 -17.86 -0.63
CA ARG B 188 -4.39 -18.85 -1.21
C ARG B 188 -4.58 -20.23 -0.56
N GLU B 189 -3.79 -21.21 -0.99
CA GLU B 189 -3.94 -22.59 -0.52
C GLU B 189 -3.59 -22.76 0.95
N ARG B 190 -4.20 -23.76 1.59
CA ARG B 190 -3.97 -24.07 3.02
C ARG B 190 -4.02 -22.84 3.93
N VAL B 191 -5.21 -22.27 4.05
CA VAL B 191 -5.45 -21.09 4.88
C VAL B 191 -6.71 -21.31 5.69
N SER B 192 -6.61 -21.15 7.00
CA SER B 192 -7.74 -21.39 7.89
C SER B 192 -8.40 -20.08 8.32
N ILE B 193 -9.63 -19.87 7.85
CA ILE B 193 -10.42 -18.70 8.21
C ILE B 193 -11.42 -19.06 9.30
N GLY B 194 -11.38 -18.31 10.39
CA GLY B 194 -12.23 -18.57 11.55
C GLY B 194 -13.68 -18.22 11.32
N LYS B 195 -14.46 -18.29 12.40
CA LYS B 195 -15.88 -17.94 12.34
C LYS B 195 -16.02 -16.43 12.36
N ARG B 196 -17.08 -15.93 11.71
CA ARG B 196 -17.44 -14.50 11.76
C ARG B 196 -16.45 -13.53 11.09
N VAL B 197 -15.30 -14.03 10.65
CA VAL B 197 -14.26 -13.21 9.99
C VAL B 197 -14.79 -12.40 8.80
N ILE B 198 -14.47 -11.11 8.75
CA ILE B 198 -14.84 -10.25 7.61
C ILE B 198 -13.60 -9.79 6.87
N ILE B 199 -13.54 -10.08 5.57
CA ILE B 199 -12.39 -9.61 4.76
C ILE B 199 -12.83 -8.66 3.64
N GLN B 200 -12.27 -7.46 3.68
CA GLN B 200 -12.57 -6.41 2.70
C GLN B 200 -12.03 -6.78 1.31
N PRO B 201 -12.50 -6.09 0.25
CA PRO B 201 -12.06 -6.41 -1.11
C PRO B 201 -10.54 -6.34 -1.31
N GLY B 202 -10.04 -7.08 -2.30
CA GLY B 202 -8.65 -6.94 -2.75
C GLY B 202 -7.58 -7.57 -1.88
N ALA B 203 -7.98 -8.10 -0.73
CA ALA B 203 -7.07 -8.72 0.23
C ALA B 203 -6.42 -9.97 -0.33
N VAL B 204 -5.18 -10.19 0.07
CA VAL B 204 -4.45 -11.39 -0.27
C VAL B 204 -4.05 -12.07 1.03
N ILE B 205 -4.65 -13.23 1.28
CA ILE B 205 -4.34 -14.02 2.46
C ILE B 205 -3.60 -15.27 2.01
N GLY B 206 -2.35 -15.40 2.43
CA GLY B 206 -1.55 -16.58 2.15
C GLY B 206 -0.61 -16.48 0.96
N SER B 207 -0.13 -15.28 0.67
CA SER B 207 0.90 -15.11 -0.35
C SER B 207 2.25 -15.63 0.16
N CYS B 208 3.15 -15.97 -0.76
CA CYS B 208 4.50 -16.42 -0.41
C CYS B 208 5.28 -15.35 0.33
N GLY B 209 5.97 -15.75 1.39
CA GLY B 209 6.76 -14.82 2.20
C GLY B 209 8.05 -14.45 1.49
N PHE B 210 8.62 -13.32 1.89
CA PHE B 210 9.85 -12.81 1.27
C PHE B 210 11.08 -13.48 1.88
N GLY B 211 11.59 -14.50 1.20
CA GLY B 211 12.73 -15.28 1.69
C GLY B 211 13.59 -15.83 0.58
N TYR B 212 14.87 -15.46 0.61
CA TYR B 212 15.86 -15.87 -0.39
C TYR B 212 17.24 -16.07 0.22
N VAL B 213 17.97 -17.04 -0.30
CA VAL B 213 19.37 -17.22 0.05
C VAL B 213 20.21 -16.52 -1.01
N THR B 214 21.03 -15.57 -0.58
CA THR B 214 21.90 -14.83 -1.48
C THR B 214 23.23 -15.58 -1.70
N SER B 215 23.47 -16.00 -2.93
CA SER B 215 24.69 -16.74 -3.29
C SER B 215 25.95 -15.88 -3.19
N ALA B 216 27.11 -16.55 -3.16
CA ALA B 216 28.40 -15.87 -3.18
C ALA B 216 28.68 -15.27 -4.57
N PHE B 217 27.61 -14.83 -5.22
CA PHE B 217 27.67 -14.18 -6.54
C PHE B 217 26.79 -12.94 -6.53
N GLY B 218 25.87 -12.89 -5.57
CA GLY B 218 24.91 -11.80 -5.45
C GLY B 218 23.53 -12.17 -5.95
N GLN B 219 23.38 -13.42 -6.38
CA GLN B 219 22.13 -13.94 -6.93
C GLN B 219 21.26 -14.51 -5.83
N HIS B 220 19.94 -14.30 -5.96
CA HIS B 220 18.97 -14.71 -4.93
C HIS B 220 18.14 -15.91 -5.35
N LYS B 221 18.21 -16.98 -4.55
CA LYS B 221 17.51 -18.22 -4.82
C LYS B 221 16.16 -18.24 -4.11
N HIS B 222 15.13 -18.70 -4.82
CA HIS B 222 13.78 -18.76 -4.25
C HIS B 222 13.61 -19.90 -3.25
N LEU B 223 13.27 -19.54 -2.02
CA LEU B 223 12.92 -20.51 -0.99
C LEU B 223 11.41 -20.69 -0.96
N LYS B 224 10.96 -21.91 -1.24
CA LYS B 224 9.53 -22.24 -1.28
C LYS B 224 8.94 -22.19 0.12
N HIS B 225 7.79 -21.53 0.25
CA HIS B 225 7.11 -21.40 1.53
C HIS B 225 5.90 -22.33 1.59
N LEU B 226 5.92 -23.25 2.56
CA LEU B 226 4.92 -24.30 2.66
C LEU B 226 4.01 -24.19 3.89
N GLY B 227 4.27 -23.18 4.72
CA GLY B 227 3.50 -22.94 5.94
C GLY B 227 2.09 -22.45 5.68
N LYS B 228 1.26 -22.45 6.73
CA LYS B 228 -0.13 -22.00 6.64
C LYS B 228 -0.27 -20.52 7.01
N VAL B 229 -1.50 -20.02 6.92
CA VAL B 229 -1.92 -18.76 7.54
C VAL B 229 -3.20 -19.01 8.35
N ILE B 230 -3.14 -18.75 9.66
CA ILE B 230 -4.29 -18.99 10.51
C ILE B 230 -4.96 -17.68 10.96
N ILE B 231 -6.18 -17.48 10.45
CA ILE B 231 -7.01 -16.35 10.84
C ILE B 231 -8.05 -16.86 11.83
N GLU B 232 -8.12 -16.25 13.00
CA GLU B 232 -8.99 -16.73 14.07
C GLU B 232 -10.38 -16.09 14.04
N ASP B 233 -11.20 -16.38 15.05
CA ASP B 233 -12.58 -15.93 15.11
C ASP B 233 -12.69 -14.41 15.34
N ASP B 234 -13.66 -13.79 14.68
CA ASP B 234 -13.95 -12.35 14.81
C ASP B 234 -12.82 -11.43 14.32
N VAL B 235 -11.87 -11.96 13.56
CA VAL B 235 -10.79 -11.16 12.99
C VAL B 235 -11.29 -10.43 11.74
N GLU B 236 -10.87 -9.19 11.56
CA GLU B 236 -11.16 -8.44 10.33
C GLU B 236 -9.88 -8.00 9.60
N ILE B 237 -9.92 -8.01 8.27
CA ILE B 237 -8.77 -7.64 7.46
C ILE B 237 -9.16 -6.60 6.40
N GLY B 238 -8.39 -5.52 6.34
CA GLY B 238 -8.71 -4.39 5.46
C GLY B 238 -8.46 -4.64 3.98
N ALA B 239 -8.87 -3.67 3.16
CA ALA B 239 -8.78 -3.79 1.71
C ALA B 239 -7.34 -3.84 1.25
N ASN B 240 -7.07 -4.65 0.23
CA ASN B 240 -5.73 -4.80 -0.34
C ASN B 240 -4.59 -5.03 0.68
N THR B 241 -4.94 -5.56 1.85
CA THR B 241 -3.94 -5.98 2.82
C THR B 241 -3.39 -7.36 2.43
N THR B 242 -2.09 -7.55 2.61
CA THR B 242 -1.47 -8.83 2.29
C THR B 242 -0.85 -9.49 3.53
N ILE B 243 -1.27 -10.72 3.78
CA ILE B 243 -0.72 -11.51 4.87
C ILE B 243 0.01 -12.72 4.26
N ASP B 244 1.31 -12.80 4.52
CA ASP B 244 2.15 -13.86 3.98
C ASP B 244 2.13 -15.14 4.83
N ARG B 245 2.36 -16.27 4.16
CA ARG B 245 2.51 -17.55 4.85
C ARG B 245 3.95 -17.81 5.28
N GLY B 246 4.11 -18.56 6.37
CA GLY B 246 5.43 -18.91 6.88
C GLY B 246 6.17 -19.88 5.98
N ARG B 247 7.48 -19.98 6.18
CA ARG B 247 8.28 -20.94 5.42
C ARG B 247 7.95 -22.35 5.86
N PHE B 248 7.80 -22.54 7.18
CA PHE B 248 7.46 -23.85 7.75
C PHE B 248 6.40 -23.74 8.84
N LYS B 249 6.60 -22.80 9.77
CA LYS B 249 5.59 -22.50 10.77
C LYS B 249 4.49 -21.63 10.17
N HIS B 250 3.66 -21.02 11.02
CA HIS B 250 2.49 -20.30 10.55
C HIS B 250 2.49 -18.81 10.85
N SER B 251 1.68 -18.08 10.09
CA SER B 251 1.36 -16.69 10.40
C SER B 251 -0.04 -16.69 11.00
N VAL B 252 -0.14 -16.25 12.25
CA VAL B 252 -1.42 -16.30 12.97
C VAL B 252 -1.93 -14.91 13.36
N VAL B 253 -3.21 -14.66 13.15
CA VAL B 253 -3.88 -13.44 13.60
C VAL B 253 -5.02 -13.84 14.53
N ARG B 254 -4.85 -13.61 15.82
CA ARG B 254 -5.73 -14.18 16.85
C ARG B 254 -7.05 -13.44 17.08
N GLU B 255 -7.96 -14.09 17.82
CA GLU B 255 -9.31 -13.61 18.10
C GLU B 255 -9.46 -12.10 18.30
N GLY B 256 -10.44 -11.53 17.62
CA GLY B 256 -10.86 -10.15 17.84
C GLY B 256 -10.06 -9.08 17.12
N SER B 257 -8.86 -9.43 16.67
CA SER B 257 -7.94 -8.47 16.05
C SER B 257 -8.51 -7.84 14.79
N LYS B 258 -8.32 -6.53 14.64
CA LYS B 258 -8.82 -5.82 13.47
C LYS B 258 -7.65 -5.21 12.72
N ILE B 259 -7.50 -5.61 11.46
CA ILE B 259 -6.45 -5.07 10.59
C ILE B 259 -7.07 -4.15 9.53
N ASP B 260 -6.40 -3.04 9.27
CA ASP B 260 -6.89 -2.02 8.36
C ASP B 260 -6.45 -2.30 6.91
N ASN B 261 -6.72 -1.36 6.01
CA ASN B 261 -6.30 -1.44 4.62
C ASN B 261 -4.79 -1.45 4.44
N LEU B 262 -4.34 -1.94 3.28
CA LEU B 262 -2.96 -1.76 2.82
C LEU B 262 -1.89 -2.15 3.84
N VAL B 263 -2.11 -3.25 4.55
CA VAL B 263 -1.20 -3.67 5.62
C VAL B 263 -0.35 -4.87 5.19
N GLN B 264 0.93 -4.84 5.54
CA GLN B 264 1.83 -5.96 5.29
C GLN B 264 2.05 -6.78 6.55
N ILE B 265 1.72 -8.07 6.48
CA ILE B 265 2.01 -9.02 7.54
C ILE B 265 2.94 -10.09 6.97
N ALA B 266 4.22 -10.01 7.33
CA ALA B 266 5.24 -10.89 6.76
C ALA B 266 5.06 -12.34 7.21
N HIS B 267 5.88 -13.23 6.65
CA HIS B 267 5.84 -14.64 6.98
C HIS B 267 6.17 -14.84 8.45
N GLN B 268 5.52 -15.83 9.06
CA GLN B 268 5.79 -16.23 10.45
C GLN B 268 5.58 -15.09 11.47
N VAL B 269 4.61 -14.22 11.18
CA VAL B 269 4.22 -13.19 12.14
C VAL B 269 3.03 -13.67 12.94
N GLU B 270 3.09 -13.46 14.25
CA GLU B 270 1.96 -13.78 15.11
C GLU B 270 1.37 -12.49 15.68
N VAL B 271 0.06 -12.31 15.46
CA VAL B 271 -0.65 -11.14 15.98
C VAL B 271 -1.58 -11.59 17.09
N GLY B 272 -1.58 -10.85 18.20
CA GLY B 272 -2.30 -11.26 19.42
C GLY B 272 -3.79 -11.08 19.37
N GLN B 273 -4.44 -11.24 20.52
CA GLN B 273 -5.88 -11.12 20.65
C GLN B 273 -6.29 -9.67 20.83
N HIS B 274 -7.38 -9.29 20.17
CA HIS B 274 -7.97 -7.94 20.28
C HIS B 274 -6.97 -6.82 20.00
N SER B 275 -6.08 -7.07 19.05
CA SER B 275 -5.10 -6.08 18.63
C SER B 275 -5.56 -5.34 17.38
N MET B 276 -5.06 -4.11 17.23
CA MET B 276 -5.42 -3.28 16.10
C MET B 276 -4.21 -2.82 15.34
N ILE B 277 -4.26 -3.03 14.01
CA ILE B 277 -3.23 -2.54 13.12
C ILE B 277 -3.87 -1.58 12.11
N VAL B 278 -3.53 -0.30 12.25
CA VAL B 278 -4.02 0.77 11.39
C VAL B 278 -3.39 0.66 9.99
N ALA B 279 -4.03 1.28 8.99
CA ALA B 279 -3.61 1.17 7.60
C ALA B 279 -2.13 1.41 7.37
N GLN B 280 -1.59 0.80 6.31
CA GLN B 280 -0.24 1.07 5.81
C GLN B 280 0.90 0.73 6.77
N ALA B 281 0.55 0.20 7.95
CA ALA B 281 1.55 -0.30 8.87
C ALA B 281 2.16 -1.59 8.32
N GLY B 282 3.35 -1.92 8.82
CA GLY B 282 4.06 -3.12 8.38
C GLY B 282 4.73 -3.87 9.50
N ILE B 283 4.69 -5.20 9.43
CA ILE B 283 5.36 -6.07 10.39
C ILE B 283 6.25 -7.05 9.64
N ALA B 284 7.56 -6.98 9.89
CA ALA B 284 8.53 -7.82 9.21
C ALA B 284 8.49 -9.27 9.72
N GLY B 285 9.36 -10.12 9.17
CA GLY B 285 9.31 -11.56 9.40
C GLY B 285 9.47 -12.01 10.84
N SER B 286 8.66 -12.99 11.23
CA SER B 286 8.80 -13.69 12.52
C SER B 286 8.74 -12.78 13.75
N THR B 287 7.77 -11.89 13.77
CA THR B 287 7.59 -10.98 14.91
C THR B 287 6.26 -11.29 15.60
N LYS B 288 6.27 -11.22 16.94
CA LYS B 288 5.09 -11.51 17.74
C LYS B 288 4.54 -10.24 18.37
N ILE B 289 3.32 -9.90 17.99
CA ILE B 289 2.59 -8.78 18.59
C ILE B 289 1.69 -9.33 19.67
N GLY B 290 1.77 -8.74 20.86
CA GLY B 290 0.96 -9.14 22.00
C GLY B 290 -0.52 -8.81 21.87
N ASN B 291 -1.25 -8.97 22.97
CA ASN B 291 -2.68 -8.68 23.00
C ASN B 291 -2.97 -7.24 23.33
N HIS B 292 -4.11 -6.74 22.85
CA HIS B 292 -4.53 -5.36 23.09
C HIS B 292 -3.41 -4.37 22.75
N VAL B 293 -2.84 -4.55 21.56
CA VAL B 293 -1.79 -3.69 21.05
C VAL B 293 -2.33 -2.83 19.91
N ILE B 294 -1.98 -1.55 19.89
CA ILE B 294 -2.29 -0.68 18.76
C ILE B 294 -1.02 -0.26 17.99
N ILE B 295 -1.03 -0.57 16.70
CA ILE B 295 0.07 -0.22 15.80
C ILE B 295 -0.43 0.87 14.87
N GLY B 296 0.01 2.10 15.13
CA GLY B 296 -0.42 3.28 14.38
C GLY B 296 -0.26 3.20 12.87
N GLY B 297 -1.02 4.00 12.14
CA GLY B 297 -0.95 4.01 10.69
C GLY B 297 0.47 4.21 10.22
N GLN B 298 0.88 3.46 9.20
CA GLN B 298 2.20 3.57 8.58
C GLN B 298 3.39 3.26 9.50
N ALA B 299 3.12 2.75 10.70
CA ALA B 299 4.20 2.32 11.57
C ALA B 299 4.92 1.12 10.95
N GLY B 300 6.16 0.89 11.38
CA GLY B 300 6.95 -0.22 10.88
C GLY B 300 7.68 -0.95 11.98
N ILE B 301 7.47 -2.26 12.07
CA ILE B 301 8.07 -3.07 13.12
C ILE B 301 8.98 -4.13 12.52
N THR B 302 10.25 -4.14 12.95
CA THR B 302 11.27 -5.04 12.40
C THR B 302 10.95 -6.49 12.65
N GLY B 303 11.76 -7.36 12.07
CA GLY B 303 11.58 -8.78 12.24
C GLY B 303 12.30 -9.33 13.46
N HIS B 304 11.88 -10.51 13.87
CA HIS B 304 12.47 -11.25 14.98
C HIS B 304 12.48 -10.48 16.31
N ILE B 305 11.43 -9.69 16.54
CA ILE B 305 11.26 -8.99 17.83
C ILE B 305 9.86 -9.22 18.41
N CYS B 306 9.69 -8.89 19.70
CA CYS B 306 8.41 -9.07 20.37
C CYS B 306 7.85 -7.75 20.90
N ILE B 307 6.55 -7.58 20.71
CA ILE B 307 5.83 -6.42 21.23
C ILE B 307 4.90 -6.88 22.36
N ALA B 308 5.05 -6.24 23.52
CA ALA B 308 4.35 -6.61 24.75
C ALA B 308 2.83 -6.41 24.64
N ASP B 309 2.10 -7.05 25.55
CA ASP B 309 0.67 -6.80 25.69
C ASP B 309 0.44 -5.35 26.12
N HIS B 310 -0.65 -4.76 25.62
CA HIS B 310 -1.09 -3.40 26.01
C HIS B 310 -0.12 -2.28 25.65
N VAL B 311 0.33 -2.29 24.39
CA VAL B 311 1.27 -1.30 23.86
C VAL B 311 0.63 -0.49 22.74
N ILE B 312 0.71 0.83 22.84
CA ILE B 312 0.29 1.70 21.74
C ILE B 312 1.53 2.24 21.04
N MET B 313 1.56 2.10 19.71
CA MET B 313 2.60 2.73 18.89
C MET B 313 1.99 3.79 18.03
N MET B 314 2.50 5.01 18.17
CA MET B 314 2.00 6.15 17.39
C MET B 314 2.24 5.89 15.91
N ALA B 315 1.47 6.55 15.05
CA ALA B 315 1.63 6.36 13.62
C ALA B 315 3.06 6.70 13.18
N GLN B 316 3.53 6.04 12.13
CA GLN B 316 4.85 6.27 11.54
C GLN B 316 6.03 5.86 12.44
N THR B 317 5.71 5.20 13.55
CA THR B 317 6.75 4.68 14.44
C THR B 317 7.63 3.67 13.72
N GLY B 318 8.94 3.81 13.92
CA GLY B 318 9.92 2.83 13.45
C GLY B 318 10.44 2.07 14.64
N VAL B 319 9.90 0.87 14.85
CA VAL B 319 10.29 0.03 15.97
C VAL B 319 11.42 -0.88 15.55
N THR B 320 12.61 -0.69 16.14
CA THR B 320 13.83 -1.41 15.73
C THR B 320 14.25 -2.51 16.71
N LYS B 321 13.63 -2.50 17.89
CA LYS B 321 13.96 -3.46 18.95
C LYS B 321 12.69 -3.82 19.74
N SER B 322 12.73 -4.95 20.45
CA SER B 322 11.58 -5.42 21.23
C SER B 322 11.09 -4.42 22.26
N ILE B 323 9.76 -4.29 22.33
CA ILE B 323 9.07 -3.58 23.41
C ILE B 323 8.59 -4.61 24.43
N THR B 324 9.08 -4.50 25.67
CA THR B 324 8.84 -5.53 26.69
C THR B 324 7.98 -5.13 27.88
N SER B 325 7.52 -3.88 27.89
CA SER B 325 6.57 -3.41 28.90
C SER B 325 5.51 -2.55 28.24
N PRO B 326 4.26 -2.58 28.75
CA PRO B 326 3.13 -1.83 28.20
C PRO B 326 3.33 -0.31 28.19
N GLY B 327 2.59 0.39 27.32
CA GLY B 327 2.62 1.85 27.27
C GLY B 327 2.49 2.46 25.89
N ILE B 328 2.80 3.76 25.79
CA ILE B 328 2.73 4.48 24.52
C ILE B 328 4.14 4.79 24.00
N TYR B 329 4.39 4.45 22.73
CA TYR B 329 5.72 4.58 22.12
C TYR B 329 5.62 5.30 20.78
N GLY B 330 6.72 5.92 20.35
CA GLY B 330 6.76 6.65 19.08
C GLY B 330 8.14 6.99 18.55
N GLY B 331 8.18 7.51 17.33
CA GLY B 331 9.42 7.95 16.71
C GLY B 331 10.15 6.84 15.97
N ALA B 332 11.25 7.21 15.31
CA ALA B 332 12.09 6.26 14.57
C ALA B 332 13.55 6.60 14.77
N PRO B 333 14.28 5.77 15.55
CA PRO B 333 13.84 4.55 16.23
C PRO B 333 12.85 4.85 17.35
N ALA B 334 12.14 3.81 17.79
CA ALA B 334 11.08 3.95 18.80
C ALA B 334 11.60 4.12 20.22
N ARG B 335 11.08 5.13 20.90
CA ARG B 335 11.34 5.35 22.30
C ARG B 335 10.02 5.69 22.97
N PRO B 336 9.89 5.41 24.29
CA PRO B 336 8.63 5.62 25.02
C PRO B 336 8.13 7.06 24.93
N TYR B 337 6.82 7.24 24.98
CA TYR B 337 6.19 8.55 24.69
C TYR B 337 6.88 9.71 25.38
N GLN B 338 7.08 9.55 26.69
CA GLN B 338 7.74 10.54 27.53
C GLN B 338 9.04 11.05 26.90
N GLU B 339 9.91 10.10 26.54
CA GLU B 339 11.25 10.38 26.04
C GLU B 339 11.27 10.98 24.63
N ILE B 340 10.49 10.41 23.72
CA ILE B 340 10.39 10.95 22.36
C ILE B 340 9.82 12.37 22.39
N HIS B 341 8.79 12.58 23.21
CA HIS B 341 8.16 13.90 23.37
C HIS B 341 9.19 14.95 23.79
N ARG B 342 10.09 14.56 24.68
CA ARG B 342 11.21 15.40 25.11
C ARG B 342 12.22 15.58 23.98
N GLN B 343 12.51 14.49 23.27
CA GLN B 343 13.53 14.47 22.22
C GLN B 343 13.19 15.45 21.10
N VAL B 344 11.94 15.45 20.68
CA VAL B 344 11.43 16.35 19.65
C VAL B 344 11.49 17.79 20.15
N ALA B 345 11.10 17.99 21.40
CA ALA B 345 11.13 19.30 22.03
C ALA B 345 12.55 19.88 22.05
N LYS B 346 13.53 19.03 22.34
CA LYS B 346 14.92 19.42 22.43
C LYS B 346 15.56 19.66 21.06
N VAL B 347 15.08 18.94 20.05
CA VAL B 347 15.50 19.19 18.67
C VAL B 347 14.91 20.53 18.19
N ARG B 348 13.64 20.78 18.52
CA ARG B 348 13.00 22.08 18.32
C ARG B 348 13.81 23.22 18.92
N ASN B 349 14.42 22.94 20.08
CA ASN B 349 15.14 23.91 20.89
C ASN B 349 16.56 24.23 20.41
N LEU B 350 17.06 23.47 19.45
CA LEU B 350 18.45 23.59 18.98
C LEU B 350 18.95 25.00 18.66
N PRO B 351 18.20 25.77 17.83
CA PRO B 351 18.63 27.15 17.56
C PRO B 351 18.81 28.00 18.83
N ARG B 352 17.85 27.92 19.75
CA ARG B 352 17.93 28.62 21.04
C ARG B 352 19.13 28.12 21.85
N LEU B 353 19.35 26.81 21.82
CA LEU B 353 20.42 26.16 22.59
C LEU B 353 21.81 26.68 22.24
N GLU B 354 22.13 26.73 20.95
CA GLU B 354 23.47 27.17 20.51
C GLU B 354 23.66 28.68 20.65
N GLU B 355 22.55 29.40 20.75
CA GLU B 355 22.58 30.84 21.02
C GLU B 355 23.09 31.09 22.45
N ARG B 356 22.79 30.14 23.34
CA ARG B 356 23.31 30.16 24.71
C ARG B 356 24.81 29.83 24.73
N ILE B 357 25.24 28.99 23.78
CA ILE B 357 26.64 28.64 23.59
C ILE B 357 27.41 29.81 22.95
N ALA B 358 26.71 30.59 22.14
CA ALA B 358 27.28 31.79 21.51
C ALA B 358 27.55 32.90 22.53
N ALA B 359 26.58 33.13 23.43
CA ALA B 359 26.72 34.11 24.50
C ALA B 359 27.69 33.62 25.59
N LEU B 360 27.88 32.31 25.66
CA LEU B 360 28.88 31.70 26.55
C LEU B 360 30.28 32.10 26.10
N GLU B 361 30.52 32.01 24.78
CA GLU B 361 31.81 32.36 24.19
C GLU B 361 32.05 33.87 24.15
N LYS B 362 30.97 34.64 24.14
CA LYS B 362 31.01 36.11 24.20
C LYS B 362 31.92 36.62 25.33
N LEU B 363 31.77 36.03 26.52
CA LEU B 363 32.63 36.36 27.65
C LEU B 363 33.87 35.48 27.69
N VAL B 364 35.00 36.05 27.30
CA VAL B 364 36.29 35.35 27.26
C VAL B 364 37.44 36.26 27.71
N GLN B 365 37.20 37.57 27.67
CA GLN B 365 38.19 38.59 28.04
C GLN B 365 38.67 38.44 29.48
N GLN C 23 3.77 -38.35 5.64
CA GLN C 23 4.86 -38.06 6.62
C GLN C 23 5.69 -39.29 6.99
N SER C 24 6.99 -39.08 7.20
CA SER C 24 7.92 -40.16 7.54
C SER C 24 9.04 -39.69 8.49
N THR C 25 9.85 -40.62 8.95
CA THR C 25 10.97 -40.31 9.85
C THR C 25 12.33 -40.66 9.26
N TYR C 26 13.31 -39.81 9.52
CA TYR C 26 14.69 -40.04 9.11
C TYR C 26 15.64 -39.99 10.30
N SER C 27 16.60 -40.91 10.34
CA SER C 27 17.64 -40.88 11.36
C SER C 27 18.75 -39.91 10.94
N LEU C 28 19.63 -39.56 11.87
CA LEU C 28 20.70 -38.57 11.62
C LEU C 28 21.73 -39.04 10.59
N GLU C 29 22.05 -40.33 10.60
CA GLU C 29 22.97 -40.93 9.64
C GLU C 29 22.32 -41.08 8.26
N GLN C 30 21.05 -41.45 8.27
CA GLN C 30 20.24 -41.63 7.05
C GLN C 30 19.98 -40.29 6.34
N LEU C 31 19.97 -39.21 7.12
CA LEU C 31 19.78 -37.85 6.62
C LEU C 31 21.04 -37.31 5.97
N ALA C 32 22.18 -37.65 6.56
CA ALA C 32 23.50 -37.20 6.10
C ALA C 32 23.81 -37.62 4.66
N ASP C 33 23.52 -38.87 4.32
CA ASP C 33 23.82 -39.41 2.99
C ASP C 33 22.94 -38.79 1.90
N PHE C 34 21.68 -38.56 2.23
CA PHE C 34 20.72 -37.94 1.31
C PHE C 34 21.13 -36.50 0.98
N LEU C 35 21.61 -35.79 2.00
CA LEU C 35 22.08 -34.41 1.87
C LEU C 35 23.51 -34.30 1.32
N LYS C 36 24.23 -35.41 1.34
CA LYS C 36 25.68 -35.46 1.07
C LYS C 36 26.41 -34.46 1.98
N VAL C 37 26.28 -34.70 3.28
CA VAL C 37 26.77 -33.82 4.33
C VAL C 37 27.40 -34.68 5.44
N GLU C 38 28.57 -34.28 5.94
CA GLU C 38 29.21 -34.99 7.06
C GLU C 38 28.47 -34.73 8.37
N PHE C 39 28.26 -35.78 9.15
CA PHE C 39 27.58 -35.67 10.45
C PHE C 39 28.50 -35.96 11.64
N GLN C 40 28.19 -35.35 12.79
CA GLN C 40 28.88 -35.67 14.04
C GLN C 40 27.89 -35.75 15.21
N GLY C 41 27.97 -36.86 15.95
CA GLY C 41 27.09 -37.10 17.09
C GLY C 41 26.45 -38.47 17.02
N ASN C 42 25.50 -38.72 17.93
CA ASN C 42 24.73 -39.96 17.96
C ASN C 42 23.86 -40.11 16.71
N GLY C 43 24.33 -40.94 15.77
CA GLY C 43 23.71 -41.05 14.44
C GLY C 43 22.40 -41.83 14.35
N ALA C 44 21.90 -42.28 15.50
CA ALA C 44 20.65 -43.04 15.56
C ALA C 44 19.47 -42.15 15.93
N THR C 45 19.72 -40.85 16.04
CA THR C 45 18.68 -39.88 16.43
C THR C 45 17.57 -39.80 15.40
N LEU C 46 16.35 -40.13 15.82
CA LEU C 46 15.18 -40.19 14.94
C LEU C 46 14.50 -38.82 14.84
N LEU C 47 14.16 -38.41 13.61
CA LEU C 47 13.60 -37.08 13.35
C LEU C 47 12.32 -37.18 12.52
N SER C 48 11.30 -36.41 12.91
CA SER C 48 9.97 -36.49 12.27
C SER C 48 9.44 -35.16 11.73
N GLY C 49 10.22 -34.09 11.87
CA GLY C 49 9.82 -32.78 11.37
C GLY C 49 10.94 -31.77 11.28
N VAL C 50 10.56 -30.50 11.13
CA VAL C 50 11.50 -29.37 11.06
C VAL C 50 11.01 -28.18 11.89
N GLU C 51 11.95 -27.44 12.48
CA GLU C 51 11.66 -26.27 13.31
C GLU C 51 12.90 -25.40 13.46
N GLU C 52 12.70 -24.14 13.84
CA GLU C 52 13.79 -23.18 14.06
C GLU C 52 14.67 -23.53 15.29
N ILE C 53 15.85 -22.92 15.36
CA ILE C 53 16.86 -23.21 16.40
C ILE C 53 16.37 -22.94 17.83
N GLU C 54 15.52 -21.93 17.97
CA GLU C 54 15.05 -21.46 19.28
C GLU C 54 13.87 -22.29 19.82
N GLU C 55 13.31 -23.16 18.98
CA GLU C 55 12.07 -23.86 19.31
C GLU C 55 12.06 -25.37 19.04
N ALA C 56 13.08 -25.88 18.35
CA ALA C 56 13.09 -27.27 17.89
C ALA C 56 13.19 -28.32 19.00
N LYS C 57 12.34 -29.34 18.92
CA LYS C 57 12.41 -30.48 19.84
C LYS C 57 13.39 -31.54 19.30
N THR C 58 13.64 -32.59 20.07
CA THR C 58 14.52 -33.68 19.68
C THR C 58 14.15 -34.33 18.34
N ALA C 59 12.85 -34.38 18.06
CA ALA C 59 12.36 -34.94 16.79
C ALA C 59 12.42 -33.95 15.61
N HIS C 60 12.91 -32.74 15.89
CA HIS C 60 12.97 -31.67 14.88
C HIS C 60 14.40 -31.41 14.39
N ILE C 61 14.50 -30.91 13.15
CA ILE C 61 15.79 -30.55 12.53
C ILE C 61 15.89 -29.03 12.45
N THR C 62 17.10 -28.50 12.61
CA THR C 62 17.30 -27.03 12.55
C THR C 62 18.58 -26.61 11.79
N PHE C 63 18.85 -25.30 11.77
CA PHE C 63 19.99 -24.74 11.05
C PHE C 63 20.56 -23.47 11.71
N LEU C 64 21.81 -23.17 11.41
CA LEU C 64 22.48 -21.94 11.89
C LEU C 64 23.39 -21.35 10.80
N ASP C 65 23.06 -20.15 10.34
CA ASP C 65 23.86 -19.48 9.30
C ASP C 65 24.52 -18.17 9.75
N ASN C 66 23.95 -17.54 10.77
CA ASN C 66 24.43 -16.24 11.25
C ASN C 66 25.15 -16.26 12.60
N GLU C 67 25.80 -15.15 12.93
CA GLU C 67 26.48 -14.98 14.21
C GLU C 67 25.55 -14.43 15.28
N LYS C 68 24.71 -13.47 14.92
CA LYS C 68 23.68 -12.97 15.82
C LYS C 68 22.50 -13.93 15.90
N TYR C 69 22.82 -15.22 15.88
CA TYR C 69 21.88 -16.32 16.05
C TYR C 69 22.52 -17.47 16.83
N ALA C 70 23.86 -17.49 16.81
CA ALA C 70 24.65 -18.57 17.42
C ALA C 70 24.54 -18.63 18.95
N LYS C 71 24.03 -17.56 19.55
CA LYS C 71 23.89 -17.49 21.01
C LYS C 71 22.76 -18.37 21.55
N HIS C 72 21.99 -18.98 20.64
CA HIS C 72 20.89 -19.88 21.00
C HIS C 72 21.26 -21.36 20.78
N LEU C 73 22.47 -21.59 20.26
CA LEU C 73 22.93 -22.94 19.95
C LEU C 73 23.35 -23.72 21.20
N LYS C 74 23.97 -23.01 22.15
CA LYS C 74 24.51 -23.61 23.38
C LYS C 74 23.57 -24.57 24.09
N SER C 75 22.27 -24.25 24.09
CA SER C 75 21.25 -25.09 24.71
C SER C 75 20.07 -25.28 23.76
N SER C 76 20.18 -26.31 22.92
CA SER C 76 19.16 -26.61 21.92
C SER C 76 18.93 -28.12 21.80
N GLU C 77 17.69 -28.53 22.07
CA GLU C 77 17.31 -29.96 22.10
C GLU C 77 17.32 -30.64 20.73
N ALA C 78 17.27 -29.85 19.67
CA ALA C 78 17.20 -30.35 18.29
C ALA C 78 18.06 -31.59 18.05
N GLY C 79 17.46 -32.58 17.39
CA GLY C 79 18.15 -33.83 17.09
C GLY C 79 19.05 -33.79 15.85
N ALA C 80 19.10 -32.63 15.20
CA ALA C 80 19.96 -32.39 14.05
C ALA C 80 20.12 -30.89 13.85
N ILE C 81 21.37 -30.42 13.83
CA ILE C 81 21.67 -29.01 13.59
C ILE C 81 22.58 -28.87 12.37
N ILE C 82 22.06 -28.21 11.34
CA ILE C 82 22.82 -27.91 10.12
C ILE C 82 23.71 -26.70 10.40
N ILE C 83 25.02 -26.92 10.36
CA ILE C 83 26.01 -25.90 10.70
C ILE C 83 27.17 -25.85 9.68
N SER C 84 27.60 -24.63 9.33
CA SER C 84 28.72 -24.46 8.39
C SER C 84 30.06 -24.86 9.00
N ARG C 85 31.06 -25.05 8.14
CA ARG C 85 32.42 -25.40 8.57
C ARG C 85 33.03 -24.33 9.47
N THR C 86 32.64 -23.08 9.25
CA THR C 86 33.12 -21.94 10.03
C THR C 86 32.52 -21.93 11.43
N GLN C 87 31.19 -21.98 11.52
CA GLN C 87 30.49 -21.96 12.80
C GLN C 87 30.68 -23.26 13.59
N PHE C 88 30.90 -24.36 12.88
CA PHE C 88 31.15 -25.66 13.51
C PHE C 88 32.41 -25.63 14.38
N GLN C 89 33.36 -24.77 13.99
CA GLN C 89 34.66 -24.67 14.68
C GLN C 89 34.54 -24.15 16.12
N LYS C 90 33.57 -23.27 16.36
CA LYS C 90 33.37 -22.65 17.67
C LYS C 90 32.51 -23.50 18.64
N TYR C 91 31.88 -24.55 18.11
CA TYR C 91 30.91 -25.32 18.88
C TYR C 91 31.02 -26.84 18.71
N ARG C 92 32.10 -27.30 18.06
CA ARG C 92 32.25 -28.72 17.70
C ARG C 92 32.31 -29.70 18.88
N ASP C 93 32.78 -29.21 20.03
CA ASP C 93 32.93 -30.04 21.23
C ASP C 93 31.61 -30.35 21.95
N LEU C 94 30.61 -29.50 21.72
CA LEU C 94 29.28 -29.62 22.34
C LEU C 94 28.55 -30.92 21.95
N ASN C 95 27.89 -31.52 22.92
CA ASN C 95 27.30 -32.86 22.77
C ASN C 95 26.15 -32.98 21.75
N LYS C 96 25.79 -31.85 21.12
CA LYS C 96 24.68 -31.80 20.15
C LYS C 96 24.96 -32.59 18.87
N ASN C 97 23.88 -32.99 18.20
CA ASN C 97 23.95 -33.68 16.90
C ASN C 97 24.13 -32.67 15.76
N PHE C 98 25.08 -32.93 14.87
CA PHE C 98 25.43 -31.97 13.83
C PHE C 98 25.29 -32.49 12.40
N LEU C 99 25.07 -31.55 11.48
CA LEU C 99 25.13 -31.80 10.05
C LEU C 99 26.00 -30.70 9.45
N ILE C 100 27.30 -31.00 9.30
CA ILE C 100 28.30 -30.00 8.88
C ILE C 100 28.45 -29.91 7.37
N THR C 101 28.25 -28.70 6.85
CA THR C 101 28.23 -28.47 5.40
C THR C 101 29.07 -27.25 5.00
N SER C 102 29.70 -27.34 3.84
CA SER C 102 30.49 -26.25 3.28
C SER C 102 29.64 -25.26 2.48
N GLU C 103 28.37 -25.62 2.29
CA GLU C 103 27.39 -24.79 1.59
C GLU C 103 26.58 -23.96 2.58
N SER C 104 25.68 -23.14 2.04
CA SER C 104 24.76 -22.34 2.85
C SER C 104 23.89 -23.25 3.70
N PRO C 105 23.95 -23.10 5.04
CA PRO C 105 23.13 -23.87 5.96
C PRO C 105 21.63 -23.69 5.72
N SER C 106 21.25 -22.57 5.10
CA SER C 106 19.85 -22.30 4.81
C SER C 106 19.30 -23.13 3.65
N LEU C 107 20.11 -23.30 2.60
CA LEU C 107 19.73 -24.11 1.43
C LEU C 107 19.70 -25.59 1.75
N VAL C 108 20.70 -26.02 2.53
CA VAL C 108 20.76 -27.38 3.06
C VAL C 108 19.53 -27.62 3.93
N PHE C 109 19.08 -26.58 4.62
CA PHE C 109 17.90 -26.67 5.48
C PHE C 109 16.60 -26.79 4.69
N GLN C 110 16.53 -26.08 3.56
CA GLN C 110 15.35 -26.15 2.69
C GLN C 110 15.20 -27.58 2.15
N LYS C 111 16.32 -28.16 1.72
CA LYS C 111 16.33 -29.56 1.30
C LYS C 111 15.59 -30.42 2.34
N CYS C 112 15.87 -30.17 3.62
CA CYS C 112 15.24 -30.89 4.72
C CYS C 112 13.76 -30.55 4.87
N LEU C 113 13.39 -29.31 4.57
CA LEU C 113 11.99 -28.88 4.64
C LEU C 113 11.15 -29.55 3.57
N GLU C 114 11.68 -29.60 2.35
CA GLU C 114 10.96 -30.17 1.21
C GLU C 114 10.83 -31.69 1.31
N LEU C 115 11.41 -32.26 2.38
CA LEU C 115 11.23 -33.65 2.74
C LEU C 115 9.86 -33.88 3.37
N PHE C 116 9.38 -32.90 4.13
CA PHE C 116 8.24 -33.10 5.02
C PHE C 116 6.89 -32.54 4.54
N ILE C 117 6.92 -31.39 3.86
CA ILE C 117 5.67 -30.79 3.37
C ILE C 117 5.61 -30.79 1.84
N THR C 118 4.42 -31.13 1.32
CA THR C 118 4.15 -31.19 -0.12
C THR C 118 3.26 -30.03 -0.60
N PRO C 119 3.64 -29.36 -1.70
CA PRO C 119 2.83 -28.29 -2.29
C PRO C 119 1.54 -28.81 -2.92
N VAL C 120 0.54 -27.94 -3.03
CA VAL C 120 -0.78 -28.32 -3.54
C VAL C 120 -1.31 -27.26 -4.51
N ASP C 121 -1.80 -27.70 -5.67
CA ASP C 121 -2.38 -26.81 -6.67
C ASP C 121 -3.91 -26.68 -6.51
N SER C 122 -4.52 -25.86 -7.37
CA SER C 122 -5.94 -25.50 -7.23
C SER C 122 -6.91 -26.66 -7.47
N GLY C 123 -6.52 -27.58 -8.36
CA GLY C 123 -7.41 -28.67 -8.77
C GLY C 123 -8.00 -28.45 -10.15
N PHE C 124 -7.64 -27.33 -10.78
CA PHE C 124 -8.02 -27.03 -12.17
C PHE C 124 -6.80 -27.06 -13.07
N PRO C 125 -6.47 -28.22 -13.65
CA PRO C 125 -5.29 -28.34 -14.50
C PRO C 125 -5.59 -28.00 -15.96
N GLY C 126 -4.58 -27.51 -16.68
CA GLY C 126 -4.74 -27.12 -18.08
C GLY C 126 -5.53 -25.84 -18.26
N ILE C 127 -6.11 -25.66 -19.44
CA ILE C 127 -6.91 -24.48 -19.75
C ILE C 127 -8.40 -24.71 -19.40
N HIS C 128 -8.86 -24.02 -18.37
CA HIS C 128 -10.27 -24.13 -17.93
C HIS C 128 -11.21 -23.63 -19.03
N PRO C 129 -12.32 -24.36 -19.27
CA PRO C 129 -13.31 -23.96 -20.28
C PRO C 129 -13.79 -22.51 -20.17
N THR C 130 -13.80 -21.96 -18.95
CA THR C 130 -14.25 -20.58 -18.73
C THR C 130 -13.26 -19.53 -19.26
N ALA C 131 -11.97 -19.78 -19.09
CA ALA C 131 -10.92 -18.86 -19.53
C ALA C 131 -11.23 -18.28 -20.91
N VAL C 132 -11.47 -16.97 -20.97
CA VAL C 132 -11.71 -16.29 -22.23
C VAL C 132 -10.37 -15.93 -22.86
N ILE C 133 -10.11 -16.49 -24.04
CA ILE C 133 -8.90 -16.21 -24.80
C ILE C 133 -9.27 -15.56 -26.12
N HIS C 134 -8.69 -14.38 -26.39
CA HIS C 134 -8.95 -13.67 -27.63
C HIS C 134 -8.38 -14.43 -28.83
N PRO C 135 -9.20 -14.59 -29.90
CA PRO C 135 -8.80 -15.28 -31.13
C PRO C 135 -7.35 -15.02 -31.56
N THR C 136 -6.92 -13.77 -31.51
CA THR C 136 -5.61 -13.36 -32.01
C THR C 136 -4.47 -13.64 -31.01
N ALA C 137 -4.81 -14.11 -29.82
CA ALA C 137 -3.82 -14.47 -28.81
C ALA C 137 -3.15 -15.80 -29.13
N ILE C 138 -1.86 -15.90 -28.80
CA ILE C 138 -1.11 -17.14 -28.99
C ILE C 138 -0.80 -17.79 -27.66
N ILE C 139 -1.38 -18.97 -27.45
CA ILE C 139 -1.13 -19.77 -26.26
C ILE C 139 -0.20 -20.91 -26.67
N GLU C 140 0.88 -21.11 -25.92
CA GLU C 140 1.83 -22.18 -26.24
C GLU C 140 1.40 -23.53 -25.64
N ASP C 141 2.22 -24.54 -25.85
CA ASP C 141 1.99 -25.88 -25.30
C ASP C 141 2.16 -25.92 -23.77
N HIS C 142 1.58 -26.93 -23.13
CA HIS C 142 1.75 -27.23 -21.69
C HIS C 142 1.53 -26.07 -20.73
N VAL C 143 0.53 -25.23 -21.02
CA VAL C 143 0.20 -24.10 -20.16
C VAL C 143 -1.04 -24.41 -19.32
N CYS C 144 -1.09 -23.86 -18.12
CA CYS C 144 -2.28 -23.95 -17.28
C CYS C 144 -2.95 -22.59 -17.14
N ILE C 145 -4.22 -22.52 -17.49
CA ILE C 145 -5.04 -21.31 -17.29
C ILE C 145 -6.26 -21.65 -16.45
N GLU C 146 -6.28 -21.13 -15.22
CA GLU C 146 -7.34 -21.41 -14.24
C GLU C 146 -8.64 -20.67 -14.57
N PRO C 147 -9.74 -20.94 -13.82
CA PRO C 147 -11.05 -20.38 -14.18
C PRO C 147 -11.14 -18.85 -14.21
N TYR C 148 -11.89 -18.34 -15.18
CA TYR C 148 -12.20 -16.91 -15.37
C TYR C 148 -11.03 -15.97 -15.70
N ALA C 149 -9.87 -16.54 -16.02
CA ALA C 149 -8.76 -15.75 -16.55
C ALA C 149 -9.09 -15.20 -17.94
N VAL C 150 -8.59 -14.01 -18.24
CA VAL C 150 -8.83 -13.37 -19.54
C VAL C 150 -7.52 -13.04 -20.24
N VAL C 151 -7.36 -13.59 -21.44
CA VAL C 151 -6.17 -13.34 -22.26
C VAL C 151 -6.57 -12.47 -23.46
N CYS C 152 -6.01 -11.27 -23.49
CA CYS C 152 -6.42 -10.25 -24.47
C CYS C 152 -5.82 -10.45 -25.86
N GLN C 153 -6.21 -9.58 -26.80
CA GLN C 153 -5.78 -9.66 -28.19
C GLN C 153 -4.27 -9.65 -28.37
N HIS C 154 -3.80 -10.46 -29.31
CA HIS C 154 -2.37 -10.56 -29.68
C HIS C 154 -1.41 -10.80 -28.51
N ALA C 155 -1.90 -11.44 -27.46
CA ALA C 155 -1.06 -11.81 -26.31
C ALA C 155 -0.33 -13.13 -26.55
N HIS C 156 0.87 -13.25 -25.96
CA HIS C 156 1.69 -14.45 -26.11
C HIS C 156 2.02 -15.10 -24.77
N VAL C 157 1.23 -16.12 -24.40
CA VAL C 157 1.47 -16.90 -23.20
C VAL C 157 2.44 -18.04 -23.53
N GLY C 158 3.61 -18.01 -22.91
CA GLY C 158 4.69 -18.96 -23.19
C GLY C 158 4.43 -20.38 -22.73
N SER C 159 5.32 -21.29 -23.13
CA SER C 159 5.18 -22.69 -22.78
C SER C 159 5.51 -22.94 -21.31
N ALA C 160 4.77 -23.89 -20.71
CA ALA C 160 4.92 -24.27 -19.30
C ALA C 160 4.69 -23.11 -18.32
N CYS C 161 3.73 -22.26 -18.64
CA CYS C 161 3.34 -21.14 -17.77
C CYS C 161 2.09 -21.46 -16.95
N HIS C 162 1.89 -20.72 -15.87
CA HIS C 162 0.65 -20.80 -15.10
C HIS C 162 -0.01 -19.44 -14.98
N ILE C 163 -1.24 -19.34 -15.48
CA ILE C 163 -2.05 -18.15 -15.36
C ILE C 163 -3.12 -18.40 -14.32
N GLY C 164 -2.97 -17.73 -13.17
CA GLY C 164 -3.88 -17.90 -12.04
C GLY C 164 -5.32 -17.52 -12.32
N SER C 165 -6.21 -18.00 -11.47
CA SER C 165 -7.64 -17.80 -11.62
C SER C 165 -8.00 -16.32 -11.63
N GLY C 166 -8.73 -15.91 -12.66
CA GLY C 166 -9.26 -14.55 -12.74
C GLY C 166 -8.27 -13.47 -13.16
N SER C 167 -7.02 -13.85 -13.41
CA SER C 167 -5.98 -12.91 -13.82
C SER C 167 -6.20 -12.41 -15.25
N VAL C 168 -5.53 -11.30 -15.60
CA VAL C 168 -5.70 -10.70 -16.92
C VAL C 168 -4.34 -10.48 -17.61
N ILE C 169 -4.17 -11.08 -18.79
CA ILE C 169 -3.01 -10.82 -19.64
C ILE C 169 -3.38 -9.81 -20.73
N GLY C 170 -2.81 -8.60 -20.64
CA GLY C 170 -3.17 -7.47 -21.50
C GLY C 170 -2.83 -7.65 -22.97
N ALA C 171 -3.38 -6.78 -23.81
CA ALA C 171 -3.16 -6.84 -25.25
C ALA C 171 -1.68 -6.72 -25.59
N TYR C 172 -1.22 -7.55 -26.53
CA TYR C 172 0.17 -7.56 -27.01
C TYR C 172 1.20 -7.80 -25.89
N SER C 173 0.78 -8.43 -24.81
CA SER C 173 1.68 -8.75 -23.72
C SER C 173 2.24 -10.17 -23.84
N THR C 174 3.45 -10.35 -23.35
CA THR C 174 4.17 -11.62 -23.49
C THR C 174 4.55 -12.16 -22.12
N VAL C 175 4.13 -13.39 -21.85
CA VAL C 175 4.49 -14.10 -20.62
C VAL C 175 5.54 -15.15 -20.97
N GLY C 176 6.79 -14.87 -20.63
CA GLY C 176 7.91 -15.74 -20.99
C GLY C 176 7.80 -17.09 -20.32
N GLU C 177 8.40 -18.12 -20.93
CA GLU C 177 8.25 -19.50 -20.49
C GLU C 177 8.49 -19.75 -19.00
N HIS C 178 7.75 -20.70 -18.44
CA HIS C 178 7.88 -21.16 -17.04
C HIS C 178 7.54 -20.15 -15.94
N SER C 179 6.96 -19.01 -16.32
CA SER C 179 6.51 -18.01 -15.35
C SER C 179 5.30 -18.52 -14.57
N TYR C 180 5.07 -17.95 -13.38
CA TYR C 180 3.93 -18.33 -12.55
C TYR C 180 3.10 -17.14 -12.11
N ILE C 181 2.02 -16.88 -12.83
CA ILE C 181 1.07 -15.83 -12.47
C ILE C 181 0.06 -16.43 -11.50
N HIS C 182 -0.05 -15.81 -10.33
CA HIS C 182 -1.01 -16.21 -9.31
C HIS C 182 -2.40 -15.62 -9.59
N PRO C 183 -3.44 -16.04 -8.85
CA PRO C 183 -4.80 -15.57 -9.11
C PRO C 183 -4.95 -14.05 -9.09
N ARG C 184 -5.94 -13.56 -9.84
CA ARG C 184 -6.37 -12.15 -9.81
C ARG C 184 -5.18 -11.17 -9.94
N VAL C 185 -4.46 -11.28 -11.04
CA VAL C 185 -3.34 -10.37 -11.36
C VAL C 185 -3.61 -9.64 -12.67
N VAL C 186 -3.42 -8.32 -12.66
CA VAL C 186 -3.63 -7.54 -13.88
C VAL C 186 -2.30 -7.16 -14.52
N ILE C 187 -1.99 -7.85 -15.62
CA ILE C 187 -0.90 -7.47 -16.50
C ILE C 187 -1.50 -6.71 -17.66
N ARG C 188 -1.11 -5.45 -17.79
CA ARG C 188 -1.70 -4.57 -18.81
C ARG C 188 -1.02 -4.62 -20.19
N GLU C 189 -1.68 -3.98 -21.16
CA GLU C 189 -1.20 -3.88 -22.54
C GLU C 189 0.29 -3.58 -22.66
N ARG C 190 0.96 -4.29 -23.56
CA ARG C 190 2.38 -4.08 -23.87
C ARG C 190 3.32 -4.33 -22.68
N VAL C 191 3.23 -5.52 -22.09
CA VAL C 191 4.14 -5.88 -21.02
C VAL C 191 4.93 -7.14 -21.35
N SER C 192 6.25 -7.01 -21.24
CA SER C 192 7.15 -8.13 -21.42
C SER C 192 7.43 -8.75 -20.06
N ILE C 193 7.01 -10.00 -19.91
CA ILE C 193 7.30 -10.79 -18.71
C ILE C 193 8.39 -11.77 -19.10
N GLY C 194 9.46 -11.84 -18.31
CA GLY C 194 10.60 -12.69 -18.66
C GLY C 194 10.35 -14.17 -18.45
N LYS C 195 11.43 -14.94 -18.40
CA LYS C 195 11.36 -16.37 -18.15
C LYS C 195 11.27 -16.64 -16.65
N ARG C 196 10.49 -17.67 -16.30
CA ARG C 196 10.34 -18.16 -14.91
C ARG C 196 10.08 -17.08 -13.83
N VAL C 197 9.40 -16.02 -14.25
CA VAL C 197 8.99 -14.92 -13.38
C VAL C 197 7.81 -15.35 -12.50
N ILE C 198 7.86 -15.00 -11.21
CA ILE C 198 6.76 -15.32 -10.30
C ILE C 198 6.08 -14.04 -9.82
N ILE C 199 4.80 -13.90 -10.17
CA ILE C 199 4.00 -12.76 -9.73
C ILE C 199 2.94 -13.20 -8.71
N GLN C 200 3.06 -12.69 -7.48
CA GLN C 200 2.11 -12.98 -6.41
C GLN C 200 0.72 -12.42 -6.75
N PRO C 201 -0.34 -12.82 -6.01
CA PRO C 201 -1.68 -12.41 -6.42
C PRO C 201 -1.92 -10.93 -6.18
N GLY C 202 -2.76 -10.32 -7.01
CA GLY C 202 -3.19 -8.94 -6.80
C GLY C 202 -2.26 -7.85 -7.32
N ALA C 203 -1.08 -8.25 -7.78
CA ALA C 203 -0.11 -7.31 -8.33
C ALA C 203 -0.60 -6.71 -9.66
N VAL C 204 -0.16 -5.49 -9.95
CA VAL C 204 -0.56 -4.81 -11.18
C VAL C 204 0.68 -4.35 -11.92
N ILE C 205 0.85 -4.81 -13.15
CA ILE C 205 2.00 -4.43 -13.97
C ILE C 205 1.53 -3.60 -15.17
N GLY C 206 2.21 -2.49 -15.41
CA GLY C 206 1.88 -1.63 -16.55
C GLY C 206 0.67 -0.74 -16.33
N SER C 207 0.45 -0.32 -15.09
CA SER C 207 -0.53 0.72 -14.81
C SER C 207 0.02 2.05 -15.27
N CYS C 208 -0.84 3.05 -15.37
CA CYS C 208 -0.44 4.35 -15.87
C CYS C 208 0.42 5.06 -14.85
N GLY C 209 1.47 5.73 -15.34
CA GLY C 209 2.32 6.53 -14.48
C GLY C 209 1.59 7.78 -14.05
N PHE C 210 1.95 8.27 -12.86
CA PHE C 210 1.31 9.47 -12.30
C PHE C 210 1.90 10.72 -12.95
N GLY C 211 1.47 11.00 -14.18
CA GLY C 211 1.92 12.19 -14.91
C GLY C 211 0.76 12.94 -15.55
N TYR C 212 0.72 14.25 -15.37
CA TYR C 212 -0.36 15.08 -15.90
C TYR C 212 0.17 16.38 -16.46
N VAL C 213 -0.62 17.01 -17.33
CA VAL C 213 -0.30 18.35 -17.83
C VAL C 213 -0.74 19.38 -16.79
N THR C 214 0.22 20.09 -16.23
CA THR C 214 -0.06 21.11 -15.23
C THR C 214 -0.61 22.36 -15.93
N SER C 215 -1.93 22.45 -15.99
CA SER C 215 -2.65 23.52 -16.70
C SER C 215 -2.48 24.91 -16.06
N ALA C 216 -3.13 25.90 -16.66
CA ALA C 216 -3.01 27.31 -16.26
C ALA C 216 -3.96 27.72 -15.12
N PHE C 217 -5.14 27.10 -15.07
CA PHE C 217 -6.09 27.31 -13.96
C PHE C 217 -5.76 26.42 -12.75
N GLY C 218 -4.59 25.77 -12.80
CA GLY C 218 -4.13 24.88 -11.73
C GLY C 218 -4.60 23.46 -11.91
N GLN C 219 -5.39 23.22 -12.96
CA GLN C 219 -6.03 21.93 -13.19
C GLN C 219 -5.10 20.89 -13.82
N HIS C 220 -5.50 19.63 -13.74
CA HIS C 220 -4.64 18.51 -14.11
C HIS C 220 -5.26 17.64 -15.20
N LYS C 221 -4.58 17.54 -16.34
CA LYS C 221 -5.09 16.84 -17.51
C LYS C 221 -4.32 15.55 -17.76
N HIS C 222 -5.08 14.46 -17.91
CA HIS C 222 -4.55 13.09 -18.07
C HIS C 222 -3.67 12.91 -19.29
N LEU C 223 -2.69 12.02 -19.17
CA LEU C 223 -1.81 11.65 -20.28
C LEU C 223 -1.72 10.14 -20.40
N LYS C 224 -2.09 9.61 -21.58
CA LYS C 224 -1.97 8.18 -21.86
C LYS C 224 -0.51 7.75 -21.92
N HIS C 225 -0.08 6.97 -20.93
CA HIS C 225 1.26 6.41 -20.89
C HIS C 225 1.27 5.17 -21.78
N LEU C 226 2.21 5.14 -22.71
CA LEU C 226 2.24 4.10 -23.74
C LEU C 226 3.52 3.28 -23.74
N GLY C 227 4.48 3.68 -22.92
CA GLY C 227 5.76 2.97 -22.79
C GLY C 227 5.62 1.53 -22.32
N LYS C 228 6.61 0.71 -22.67
CA LYS C 228 6.63 -0.70 -22.30
C LYS C 228 7.02 -0.89 -20.83
N VAL C 229 6.55 -1.98 -20.23
CA VAL C 229 7.11 -2.48 -18.98
C VAL C 229 7.81 -3.81 -19.24
N ILE C 230 9.11 -3.84 -19.00
CA ILE C 230 9.89 -5.05 -19.21
C ILE C 230 10.28 -5.65 -17.87
N ILE C 231 9.79 -6.87 -17.63
CA ILE C 231 10.17 -7.65 -16.46
C ILE C 231 11.04 -8.79 -16.97
N GLU C 232 12.34 -8.75 -16.65
CA GLU C 232 13.29 -9.73 -17.18
C GLU C 232 13.17 -11.09 -16.48
N ASP C 233 14.02 -12.03 -16.89
CA ASP C 233 14.01 -13.39 -16.35
C ASP C 233 14.30 -13.42 -14.86
N ASP C 234 13.75 -14.43 -14.17
CA ASP C 234 14.05 -14.71 -12.76
C ASP C 234 13.65 -13.61 -11.78
N VAL C 235 12.70 -12.78 -12.19
CA VAL C 235 12.20 -11.71 -11.34
C VAL C 235 11.01 -12.22 -10.53
N GLU C 236 10.87 -11.72 -9.30
CA GLU C 236 9.72 -12.03 -8.48
C GLU C 236 9.03 -10.75 -8.01
N ILE C 237 7.71 -10.69 -8.25
CA ILE C 237 6.92 -9.52 -7.89
C ILE C 237 5.89 -9.88 -6.83
N GLY C 238 5.90 -9.11 -5.74
CA GLY C 238 5.08 -9.39 -4.56
C GLY C 238 3.62 -9.02 -4.72
N ALA C 239 2.84 -9.32 -3.70
CA ALA C 239 1.37 -9.15 -3.74
C ALA C 239 0.95 -7.70 -3.74
N ASN C 240 -0.03 -7.37 -4.58
CA ASN C 240 -0.56 -6.01 -4.72
C ASN C 240 0.46 -4.92 -5.08
N THR C 241 1.69 -5.32 -5.33
CA THR C 241 2.70 -4.41 -5.84
C THR C 241 2.25 -3.83 -7.19
N THR C 242 2.47 -2.53 -7.38
CA THR C 242 2.08 -1.85 -8.62
C THR C 242 3.30 -1.29 -9.32
N ILE C 243 3.44 -1.63 -10.60
CA ILE C 243 4.52 -1.10 -11.44
C ILE C 243 3.94 -0.27 -12.59
N ASP C 244 4.32 1.01 -12.61
CA ASP C 244 3.85 1.96 -13.61
C ASP C 244 4.69 1.95 -14.88
N ARG C 245 4.02 2.10 -16.02
CA ARG C 245 4.71 2.23 -17.29
C ARG C 245 5.06 3.70 -17.55
N GLY C 246 6.12 3.94 -18.32
CA GLY C 246 6.52 5.31 -18.64
C GLY C 246 5.58 5.95 -19.65
N ARG C 247 5.67 7.27 -19.78
CA ARG C 247 4.90 7.97 -20.81
C ARG C 247 5.16 7.37 -22.20
N PHE C 248 6.43 7.31 -22.60
CA PHE C 248 6.79 6.66 -23.87
C PHE C 248 8.09 5.87 -23.82
N LYS C 249 8.85 6.02 -22.74
CA LYS C 249 10.03 5.19 -22.54
C LYS C 249 9.78 4.02 -21.57
N HIS C 250 10.75 3.12 -21.47
CA HIS C 250 10.55 1.83 -20.80
C HIS C 250 10.74 1.86 -19.26
N SER C 251 9.94 1.04 -18.57
CA SER C 251 10.17 0.69 -17.16
C SER C 251 10.74 -0.72 -17.12
N VAL C 252 11.87 -0.89 -16.43
CA VAL C 252 12.58 -2.17 -16.44
C VAL C 252 12.89 -2.68 -15.05
N VAL C 253 12.51 -3.92 -14.77
CA VAL C 253 13.02 -4.62 -13.59
C VAL C 253 13.97 -5.70 -14.10
N ARG C 254 15.27 -5.39 -14.02
CA ARG C 254 16.33 -6.27 -14.55
C ARG C 254 16.40 -7.59 -13.78
N GLU C 255 16.94 -8.61 -14.44
CA GLU C 255 16.83 -10.01 -14.00
C GLU C 255 17.30 -10.31 -12.58
N GLY C 256 16.69 -11.34 -11.98
CA GLY C 256 17.10 -11.85 -10.68
C GLY C 256 16.73 -10.95 -9.51
N SER C 257 15.95 -9.91 -9.78
CA SER C 257 15.52 -8.99 -8.74
C SER C 257 14.25 -9.50 -8.07
N LYS C 258 14.16 -9.29 -6.76
CA LYS C 258 13.03 -9.78 -5.98
C LYS C 258 12.28 -8.63 -5.34
N ILE C 259 11.01 -8.49 -5.68
CA ILE C 259 10.16 -7.43 -5.15
C ILE C 259 9.08 -8.02 -4.22
N ASP C 260 8.96 -7.41 -3.04
CA ASP C 260 8.02 -7.85 -2.01
C ASP C 260 6.63 -7.22 -2.21
N ASN C 261 5.75 -7.40 -1.21
CA ASN C 261 4.37 -6.91 -1.24
C ASN C 261 4.22 -5.40 -1.15
N LEU C 262 3.12 -4.90 -1.71
CA LEU C 262 2.68 -3.50 -1.52
C LEU C 262 3.76 -2.46 -1.90
N VAL C 263 4.58 -2.81 -2.89
CA VAL C 263 5.69 -1.96 -3.32
C VAL C 263 5.26 -1.10 -4.51
N GLN C 264 5.77 0.13 -4.57
CA GLN C 264 5.49 1.03 -5.70
C GLN C 264 6.73 1.23 -6.57
N ILE C 265 6.59 0.92 -7.85
CA ILE C 265 7.61 1.19 -8.85
C ILE C 265 7.01 2.18 -9.84
N ALA C 266 7.46 3.42 -9.75
CA ALA C 266 6.97 4.50 -10.60
C ALA C 266 7.35 4.36 -12.07
N HIS C 267 6.71 5.17 -12.92
CA HIS C 267 6.99 5.16 -14.34
C HIS C 267 8.47 5.37 -14.61
N GLN C 268 8.99 4.70 -15.64
CA GLN C 268 10.37 4.87 -16.10
C GLN C 268 11.43 4.63 -15.01
N VAL C 269 11.09 3.80 -14.02
CA VAL C 269 12.06 3.34 -13.05
C VAL C 269 12.83 2.16 -13.64
N GLU C 270 14.15 2.16 -13.42
CA GLU C 270 14.97 1.03 -13.79
C GLU C 270 15.50 0.37 -12.54
N VAL C 271 15.05 -0.85 -12.30
CA VAL C 271 15.56 -1.66 -11.19
C VAL C 271 16.66 -2.56 -11.73
N GLY C 272 17.88 -2.39 -11.21
CA GLY C 272 19.05 -3.15 -11.65
C GLY C 272 19.01 -4.62 -11.31
N GLN C 273 19.93 -5.39 -11.87
CA GLN C 273 19.89 -6.84 -11.74
C GLN C 273 20.31 -7.38 -10.37
N HIS C 274 19.57 -8.40 -9.92
CA HIS C 274 19.76 -9.08 -8.64
C HIS C 274 19.62 -8.14 -7.43
N SER C 275 18.59 -7.30 -7.49
CA SER C 275 18.29 -6.36 -6.42
C SER C 275 17.10 -6.85 -5.59
N MET C 276 16.94 -6.27 -4.41
CA MET C 276 15.80 -6.57 -3.55
C MET C 276 15.13 -5.30 -3.03
N ILE C 277 13.81 -5.29 -3.14
CA ILE C 277 13.00 -4.20 -2.63
C ILE C 277 11.99 -4.81 -1.65
N VAL C 278 12.26 -4.63 -0.36
CA VAL C 278 11.40 -5.13 0.72
C VAL C 278 10.01 -4.45 0.68
N ALA C 279 9.05 -5.05 1.38
CA ALA C 279 7.65 -4.61 1.35
C ALA C 279 7.43 -3.15 1.68
N GLN C 280 6.49 -2.55 0.94
CA GLN C 280 5.96 -1.19 1.19
C GLN C 280 6.90 -0.04 0.86
N ALA C 281 8.10 -0.38 0.38
CA ALA C 281 9.04 0.61 -0.13
C ALA C 281 8.50 1.20 -1.44
N GLY C 282 9.00 2.37 -1.81
CA GLY C 282 8.55 3.03 -3.04
C GLY C 282 9.66 3.79 -3.71
N ILE C 283 9.74 3.64 -5.04
CA ILE C 283 10.71 4.38 -5.85
C ILE C 283 9.96 5.33 -6.77
N ALA C 284 10.31 6.61 -6.72
CA ALA C 284 9.63 7.64 -7.51
C ALA C 284 10.10 7.67 -8.97
N GLY C 285 9.32 8.36 -9.80
CA GLY C 285 9.51 8.37 -11.26
C GLY C 285 10.90 8.68 -11.77
N SER C 286 11.31 7.93 -12.79
CA SER C 286 12.58 8.14 -13.52
C SER C 286 13.83 7.95 -12.67
N THR C 287 13.82 6.96 -11.78
CA THR C 287 14.98 6.71 -10.95
C THR C 287 15.64 5.39 -11.30
N LYS C 288 16.97 5.44 -11.43
CA LYS C 288 17.78 4.26 -11.70
C LYS C 288 18.32 3.64 -10.41
N ILE C 289 17.86 2.42 -10.14
CA ILE C 289 18.41 1.58 -9.08
C ILE C 289 19.45 0.67 -9.73
N GLY C 290 20.60 0.55 -9.08
CA GLY C 290 21.72 -0.24 -9.61
C GLY C 290 21.60 -1.73 -9.34
N ASN C 291 22.68 -2.44 -9.64
CA ASN C 291 22.74 -3.88 -9.45
C ASN C 291 23.10 -4.25 -8.01
N HIS C 292 22.43 -5.28 -7.50
CA HIS C 292 22.70 -5.83 -6.16
C HIS C 292 22.42 -4.82 -5.05
N VAL C 293 21.24 -4.21 -5.15
CA VAL C 293 20.83 -3.17 -4.23
C VAL C 293 19.72 -3.72 -3.35
N ILE C 294 19.80 -3.44 -2.06
CA ILE C 294 18.73 -3.76 -1.13
C ILE C 294 18.00 -2.49 -0.74
N ILE C 295 16.68 -2.49 -0.97
CA ILE C 295 15.83 -1.41 -0.50
C ILE C 295 14.98 -1.91 0.67
N GLY C 296 15.27 -1.39 1.86
CA GLY C 296 14.57 -1.76 3.08
C GLY C 296 13.07 -1.49 3.04
N GLY C 297 12.34 -2.08 3.97
CA GLY C 297 10.90 -1.89 4.03
C GLY C 297 10.49 -0.44 4.21
N GLN C 298 9.33 -0.07 3.68
CA GLN C 298 8.75 1.28 3.85
C GLN C 298 9.67 2.45 3.47
N ALA C 299 10.83 2.14 2.89
CA ALA C 299 11.77 3.15 2.43
C ALA C 299 11.23 3.89 1.21
N GLY C 300 11.69 5.13 1.05
CA GLY C 300 11.27 5.94 -0.07
C GLY C 300 12.44 6.59 -0.78
N ILE C 301 12.62 6.25 -2.05
CA ILE C 301 13.62 6.87 -2.89
C ILE C 301 12.89 7.83 -3.82
N THR C 302 13.39 9.06 -3.95
CA THR C 302 12.69 10.07 -4.76
C THR C 302 13.00 9.91 -6.25
N GLY C 303 12.48 10.85 -7.03
CA GLY C 303 12.57 10.78 -8.50
C GLY C 303 13.89 11.24 -9.05
N HIS C 304 14.07 11.01 -10.36
CA HIS C 304 15.22 11.50 -11.14
C HIS C 304 16.56 11.40 -10.43
N ILE C 305 16.80 10.27 -9.77
CA ILE C 305 18.08 10.04 -9.10
C ILE C 305 18.68 8.68 -9.42
N CYS C 306 19.92 8.50 -8.98
CA CYS C 306 20.68 7.30 -9.26
C CYS C 306 21.12 6.63 -7.97
N ILE C 307 20.83 5.34 -7.84
CA ILE C 307 21.33 4.51 -6.75
C ILE C 307 22.48 3.65 -7.29
N ALA C 308 23.68 3.87 -6.77
CA ALA C 308 24.87 3.13 -7.20
C ALA C 308 24.73 1.64 -6.90
N ASP C 309 25.57 0.83 -7.54
CA ASP C 309 25.59 -0.61 -7.30
C ASP C 309 25.89 -0.94 -5.84
N HIS C 310 25.34 -2.06 -5.36
CA HIS C 310 25.62 -2.57 -4.01
C HIS C 310 25.33 -1.58 -2.89
N VAL C 311 24.20 -0.90 -2.97
CA VAL C 311 23.80 0.03 -1.92
C VAL C 311 22.73 -0.64 -1.06
N ILE C 312 22.90 -0.59 0.25
CA ILE C 312 21.91 -1.14 1.17
C ILE C 312 21.20 -0.04 1.96
N MET C 313 19.90 0.09 1.71
CA MET C 313 19.05 0.99 2.47
C MET C 313 18.50 0.29 3.70
N MET C 314 18.39 1.03 4.79
CA MET C 314 17.69 0.57 5.98
C MET C 314 16.18 0.72 5.75
N ALA C 315 15.39 0.09 6.60
CA ALA C 315 13.94 0.28 6.55
C ALA C 315 13.60 1.71 6.93
N GLN C 316 12.64 2.29 6.21
CA GLN C 316 12.16 3.65 6.44
C GLN C 316 13.24 4.69 6.15
N THR C 317 13.83 4.61 4.96
CA THR C 317 14.88 5.53 4.55
C THR C 317 14.33 6.51 3.52
N GLY C 318 14.75 7.76 3.65
CA GLY C 318 14.40 8.80 2.67
C GLY C 318 15.59 9.22 1.85
N VAL C 319 15.79 8.55 0.72
CA VAL C 319 16.87 8.88 -0.19
C VAL C 319 16.41 10.03 -1.07
N THR C 320 16.90 11.24 -0.79
CA THR C 320 16.50 12.43 -1.55
C THR C 320 17.54 12.83 -2.58
N LYS C 321 18.81 12.60 -2.25
CA LYS C 321 19.92 12.79 -3.19
C LYS C 321 20.31 11.45 -3.81
N SER C 322 21.03 11.48 -4.92
CA SER C 322 21.58 10.28 -5.55
C SER C 322 22.69 9.68 -4.70
N ILE C 323 22.68 8.36 -4.54
CA ILE C 323 23.79 7.68 -3.87
C ILE C 323 24.86 7.28 -4.89
N THR C 324 26.11 7.65 -4.60
CA THR C 324 27.17 7.47 -5.58
C THR C 324 28.32 6.62 -5.03
N SER C 325 28.00 5.73 -4.09
CA SER C 325 28.94 4.75 -3.53
C SER C 325 28.24 3.71 -2.65
N PRO C 326 28.65 2.44 -2.75
CA PRO C 326 28.08 1.34 -1.96
C PRO C 326 28.26 1.48 -0.44
N GLY C 327 27.58 0.64 0.32
CA GLY C 327 27.59 0.71 1.78
C GLY C 327 26.19 0.81 2.38
N ILE C 328 26.11 0.77 3.71
CA ILE C 328 24.81 0.81 4.39
C ILE C 328 24.37 2.24 4.68
N TYR C 329 23.16 2.58 4.23
CA TYR C 329 22.59 3.91 4.39
C TYR C 329 21.28 3.82 5.13
N GLY C 330 20.88 4.93 5.76
CA GLY C 330 19.61 4.99 6.49
C GLY C 330 19.19 6.39 6.86
N GLY C 331 17.93 6.54 7.29
CA GLY C 331 17.42 7.82 7.80
C GLY C 331 16.73 8.71 6.79
N ALA C 332 16.38 9.91 7.23
CA ALA C 332 15.69 10.90 6.40
C ALA C 332 16.26 12.29 6.68
N PRO C 333 17.13 12.80 5.79
CA PRO C 333 17.59 12.20 4.55
C PRO C 333 18.53 11.01 4.76
N ALA C 334 18.97 10.40 3.65
CA ALA C 334 19.89 9.28 3.67
C ALA C 334 21.29 9.74 4.06
N ARG C 335 21.87 9.04 5.04
CA ARG C 335 23.26 9.23 5.45
C ARG C 335 23.84 7.85 5.77
N PRO C 336 25.16 7.67 5.55
CA PRO C 336 25.81 6.39 5.89
C PRO C 336 25.45 5.88 7.29
N TYR C 337 25.37 4.56 7.44
CA TYR C 337 24.98 3.94 8.71
C TYR C 337 25.74 4.51 9.90
N GLN C 338 27.07 4.48 9.82
CA GLN C 338 27.96 5.09 10.81
C GLN C 338 27.49 6.49 11.20
N GLU C 339 27.13 7.30 10.20
CA GLU C 339 26.79 8.69 10.44
C GLU C 339 25.41 8.90 11.06
N ILE C 340 24.44 8.03 10.75
CA ILE C 340 23.11 8.12 11.41
C ILE C 340 23.09 7.48 12.79
N HIS C 341 23.80 6.36 12.93
CA HIS C 341 23.93 5.69 14.23
C HIS C 341 24.56 6.63 15.25
N ARG C 342 25.48 7.48 14.79
CA ARG C 342 26.09 8.51 15.63
C ARG C 342 25.12 9.68 15.87
N GLN C 343 24.37 10.03 14.84
CA GLN C 343 23.40 11.13 14.91
C GLN C 343 22.28 10.80 15.92
N VAL C 344 21.70 9.60 15.78
CA VAL C 344 20.65 9.12 16.69
C VAL C 344 21.11 9.11 18.15
N ALA C 345 22.33 8.63 18.37
CA ALA C 345 22.89 8.55 19.72
C ALA C 345 23.37 9.92 20.23
N LYS C 346 23.46 10.91 19.34
CA LYS C 346 23.78 12.28 19.74
C LYS C 346 22.52 13.14 19.94
N VAL C 347 21.46 12.80 19.22
CA VAL C 347 20.15 13.40 19.46
C VAL C 347 19.65 12.96 20.84
N ARG C 348 19.82 11.67 21.15
CA ARG C 348 19.47 11.11 22.47
C ARG C 348 20.27 11.75 23.59
N ASN C 349 21.39 12.36 23.21
CA ASN C 349 22.32 12.95 24.16
C ASN C 349 22.03 14.42 24.47
N LEU C 350 20.96 14.95 23.86
CA LEU C 350 20.60 16.37 23.98
C LEU C 350 20.22 16.86 25.38
N PRO C 351 19.59 16.00 26.22
CA PRO C 351 19.39 16.42 27.62
C PRO C 351 20.70 16.59 28.36
N ARG C 352 21.59 15.61 28.21
CA ARG C 352 22.91 15.61 28.85
C ARG C 352 23.79 16.77 28.39
N LEU C 353 23.67 17.13 27.11
CA LEU C 353 24.43 18.23 26.53
C LEU C 353 23.94 19.60 27.02
N GLU C 354 22.62 19.72 27.22
CA GLU C 354 22.02 20.92 27.78
C GLU C 354 22.44 21.13 29.23
N GLU C 355 22.56 20.02 29.98
CA GLU C 355 23.04 20.03 31.36
C GLU C 355 24.44 20.62 31.44
N ARG C 356 25.29 20.25 30.49
CA ARG C 356 26.67 20.73 30.44
C ARG C 356 26.72 22.23 30.13
N ILE C 357 25.67 22.73 29.51
CA ILE C 357 25.50 24.17 29.31
C ILE C 357 25.05 24.83 30.62
N ALA C 358 24.16 24.15 31.34
CA ALA C 358 23.69 24.62 32.65
C ALA C 358 24.81 24.54 33.70
N ALA C 359 25.69 23.56 33.54
CA ALA C 359 26.87 23.42 34.40
C ALA C 359 27.90 24.51 34.08
N LEU C 360 27.88 24.97 32.83
CA LEU C 360 28.77 26.03 32.38
C LEU C 360 28.21 27.42 32.63
N GLU C 361 26.88 27.54 32.60
CA GLU C 361 26.20 28.79 32.94
C GLU C 361 26.08 28.97 34.45
N LYS C 362 26.71 28.08 35.21
CA LYS C 362 26.80 28.19 36.67
C LYS C 362 28.13 28.80 37.06
N LEU C 363 29.18 28.47 36.31
CA LEU C 363 30.52 29.00 36.55
C LEU C 363 30.80 30.27 35.74
N VAL C 364 29.74 31.03 35.43
CA VAL C 364 29.86 32.35 34.84
C VAL C 364 29.50 33.44 35.86
N GLN C 365 29.46 33.06 37.13
CA GLN C 365 29.28 34.00 38.23
C GLN C 365 30.60 34.74 38.47
N LYS C 366 31.23 35.14 37.37
CA LYS C 366 32.54 35.79 37.42
C LYS C 366 32.38 37.31 37.42
N LEU C 367 32.69 37.92 38.56
CA LEU C 367 32.61 39.37 38.73
C LEU C 367 34.01 39.98 38.91
N GLU C 368 34.84 39.30 39.70
CA GLU C 368 36.23 39.72 39.93
C GLU C 368 37.08 38.53 40.39
C1 BME D . -17.85 -4.88 6.04
C2 BME D . -19.34 -5.01 6.28
O1 BME D . -17.68 -4.14 4.83
S2 BME D . -20.12 -3.38 6.12
S SO4 E . 0.26 30.68 -25.65
O1 SO4 E . 0.71 31.96 -26.19
O2 SO4 E . -1.20 30.66 -25.58
O3 SO4 E . 0.74 29.60 -26.51
O4 SO4 E . 0.81 30.49 -24.31
S SO4 F . 1.43 0.84 1.20
O1 SO4 F . 0.19 1.11 0.47
O2 SO4 F . 2.51 0.56 0.25
O3 SO4 F . 1.77 2.02 2.00
O4 SO4 F . 1.24 -0.32 2.09
C1 PLM G . -6.82 5.11 8.74
O1 PLM G . -7.57 5.29 9.71
O2 PLM G . -7.21 4.35 7.83
C2 PLM G . -5.46 5.76 8.70
C3 PLM G . -5.01 6.20 7.32
C4 PLM G . -3.49 6.09 7.17
C5 PLM G . -2.78 7.41 7.50
C6 PLM G . -1.95 7.32 8.77
C7 PLM G . -1.76 8.69 9.39
C8 PLM G . -0.28 9.00 9.68
C9 PLM G . -0.11 10.42 10.21
CA PLM G . 1.06 10.54 11.17
CB PLM G . 0.70 11.37 12.40
CC PLM G . -0.07 10.57 13.45
CD PLM G . 0.48 10.76 14.87
CE PLM G . 0.29 9.51 15.73
CF PLM G . -1.12 9.36 16.31
CG PLM G . -1.34 8.00 16.96
S SO4 H . -23.15 5.06 32.04
O1 SO4 H . -23.34 3.86 32.87
O2 SO4 H . -24.02 4.98 30.86
O3 SO4 H . -23.49 6.25 32.81
O4 SO4 H . -21.75 5.12 31.61
C1' UD1 I . -11.48 9.00 16.93
C2' UD1 I . -11.02 7.65 16.38
C3' UD1 I . -11.52 6.51 17.30
C4' UD1 I . -11.18 6.75 18.79
C5' UD1 I . -11.18 8.25 19.21
C6' UD1 I . -10.27 8.44 20.44
C7' UD1 I . -11.11 6.80 14.00
C8' UD1 I . -9.74 6.12 14.17
N2' UD1 I . -11.64 7.48 15.04
O1' UD1 I . -12.92 8.90 17.14
O3' UD1 I . -10.98 5.26 16.88
O4' UD1 I . -12.15 6.05 19.56
O5' UD1 I . -10.77 9.20 18.17
O6' UD1 I . -10.30 9.82 20.88
O7' UD1 I . -11.71 6.73 12.94
N1 UD1 I . -18.70 11.81 16.61
C2 UD1 I . -19.78 12.54 17.16
N3 UD1 I . -19.93 12.59 18.55
C4 UD1 I . -19.05 11.90 19.38
C5 UD1 I . -17.99 11.17 18.83
C6 UD1 I . -17.82 11.13 17.45
O2 UD1 I . -20.58 13.15 16.44
O4 UD1 I . -19.18 11.94 20.59
C1B UD1 I . -18.52 11.74 15.13
C2B UD1 I . -17.42 12.65 14.61
O2' UD1 I . -17.90 13.98 14.46
C3B UD1 I . -17.14 12.01 13.25
C4B UD1 I . -17.70 10.59 13.37
O4B UD1 I . -18.05 10.45 14.76
O3B UD1 I . -17.87 12.70 12.22
C5B UD1 I . -16.58 9.61 12.98
O5B UD1 I . -16.20 8.76 14.08
PA UD1 I . -14.74 8.85 14.77
O1A UD1 I . -13.86 9.74 13.99
O2A UD1 I . -14.29 7.47 15.08
O3A UD1 I . -15.12 9.56 16.12
PB UD1 I . -13.94 10.15 17.02
O1B UD1 I . -14.50 10.44 18.37
O2B UD1 I . -13.29 11.23 16.24
C1 PLM J . 8.51 -7.80 5.18
O1 PLM J . 8.19 -8.65 4.31
O2 PLM J . 9.72 -7.68 5.45
C2 PLM J . 7.48 -6.95 5.88
C3 PLM J . 7.82 -5.47 5.81
C4 PLM J . 7.43 -4.73 7.09
C5 PLM J . 8.33 -3.51 7.30
C6 PLM J . 8.57 -3.23 8.77
C7 PLM J . 10.01 -2.84 9.03
C8 PLM J . 10.12 -1.38 9.45
C9 PLM J . 11.06 -1.20 10.64
CA PLM J . 11.21 0.28 11.00
CB PLM J . 12.56 0.57 11.67
CC PLM J . 13.30 1.72 10.99
CD PLM J . 13.18 3.03 11.76
CE PLM J . 14.33 3.98 11.48
CF PLM J . 13.97 4.98 10.38
CG PLM J . 14.64 6.34 10.56
S SO4 K . -3.04 32.66 -2.04
O1 SO4 K . -3.12 31.47 -2.89
O2 SO4 K . -3.68 32.40 -0.75
O3 SO4 K . -1.64 33.02 -1.85
O4 SO4 K . -3.73 33.76 -2.71
S SO4 L . 32.91 -30.39 3.19
O1 SO4 L . 32.11 -30.12 1.99
O2 SO4 L . 32.99 -29.19 4.00
O3 SO4 L . 32.28 -31.47 3.94
O4 SO4 L . 34.25 -30.80 2.79
S SO4 M . -4.10 4.70 -19.09
O1 SO4 M . -3.95 6.10 -19.44
O2 SO4 M . -4.79 4.57 -17.82
O3 SO4 M . -4.87 4.04 -20.14
O4 SO4 M . -2.77 4.09 -19.01
C1' UD1 N . 15.97 -12.60 7.06
C2' UD1 N . 14.44 -12.57 7.09
C3' UD1 N . 13.91 -13.98 6.87
C4' UD1 N . 14.34 -14.52 5.51
C5' UD1 N . 15.89 -14.56 5.51
C6' UD1 N . 16.54 -15.12 4.24
C7' UD1 N . 13.64 -10.81 8.63
C8' UD1 N . 13.22 -10.53 10.07
N2' UD1 N . 13.99 -12.09 8.41
O1' UD1 N . 16.39 -13.14 8.35
O3' UD1 N . 12.52 -14.05 7.07
O4' UD1 N . 13.81 -15.85 5.34
O5' UD1 N . 16.48 -13.25 5.84
O6' UD1 N . 17.63 -15.97 4.66
O7' UD1 N . 13.65 -9.91 7.80
N1 UD1 N . 16.35 -19.38 11.83
C2 UD1 N . 17.00 -20.49 12.40
N3 UD1 N . 18.41 -20.49 12.52
C4 UD1 N . 19.15 -19.39 12.07
C5 UD1 N . 18.51 -18.29 11.50
C6 UD1 N . 17.12 -18.30 11.39
O2 UD1 N . 16.37 -21.48 12.80
O4 UD1 N . 20.37 -19.38 12.18
C1B UD1 N . 14.85 -19.39 11.69
C2B UD1 N . 14.16 -18.18 12.31
O2' UD1 N . 13.83 -18.46 13.68
C3B UD1 N . 12.89 -18.05 11.47
C4B UD1 N . 13.16 -18.89 10.20
O4B UD1 N . 14.55 -19.29 10.29
O3B UD1 N . 11.76 -18.61 12.16
C5B UD1 N . 12.97 -18.01 8.93
O5B UD1 N . 14.22 -17.45 8.43
PA UD1 N . 14.89 -16.17 9.19
O1A UD1 N . 15.65 -16.64 10.36
O2A UD1 N . 13.86 -15.10 9.35
O3A UD1 N . 15.99 -15.65 8.15
PB UD1 N . 17.11 -14.58 8.60
O1B UD1 N . 18.25 -14.75 7.67
O2B UD1 N . 17.34 -14.70 10.07
C1 PLM O . 5.35 7.73 -7.45
O1 PLM O . 4.98 8.66 -8.18
O2 PLM O . 4.98 6.57 -7.75
C2 PLM O . 6.21 8.01 -6.24
C3 PLM O . 6.15 6.88 -5.20
C4 PLM O . 7.52 6.60 -4.59
C5 PLM O . 7.61 7.05 -3.14
C6 PLM O . 8.99 7.61 -2.84
C7 PLM O . 8.93 9.05 -2.33
C8 PLM O . 8.59 10.04 -3.45
C9 PLM O . 9.36 11.34 -3.29
CA PLM O . 8.88 12.44 -4.23
CB PLM O . 7.95 13.43 -3.52
CC PLM O . 8.72 14.57 -2.84
CD PLM O . 8.36 15.93 -3.43
CE PLM O . 6.92 16.35 -3.12
CF PLM O . 6.16 16.76 -4.37
CG PLM O . 6.30 18.25 -4.65
#